data_3J7E
#
_entry.id   3J7E
#
_cell.length_a   1
_cell.length_b   1
_cell.length_c   1
_cell.angle_alpha   90
_cell.angle_beta   90
_cell.angle_gamma   90
#
_symmetry.space_group_name_H-M   'P 1'
#
loop_
_entity.id
_entity.type
_entity.pdbx_description
1 polymer 'H16.V5 Fab light chain'
2 polymer 'H16.V5 Fab heavy chain'
#
loop_
_entity_poly.entity_id
_entity_poly.type
_entity_poly.pdbx_seq_one_letter_code
_entity_poly.pdbx_strand_id
1 'polypeptide(L)'
;DIVMTQSPSSLAMSVGQKVTMSCKSSQSLLDSRNQKNYLAWYQQKPGQSPKLLVYFASTRESGVPDRFIGSGSGTDFTLT
ISSVQAEDLADYFCQQHYSTPLTFGAGTKLELKRA
;
L,A,C,E
2 'polypeptide(L)'
;EVKLEQSGAELARPGASVKLSCKASGYTFASYWMQWVKQRPGQGLEWIGAIYPGDGDTWYTQKFKGKATLTADKSSSTAY
MQLSSLASEDSAVYYCARPPYYYGTTYYFDYWGQGTTLTVS
;
H,B,D,F
#
# COMPACT_ATOMS: atom_id res chain seq x y z
N ASP A 1 18.79 -0.84 -41.66
CA ASP A 1 19.47 -0.50 -40.41
C ASP A 1 18.93 0.82 -39.90
N ILE A 2 18.89 0.99 -38.59
CA ILE A 2 18.40 2.27 -38.08
C ILE A 2 19.50 3.31 -38.10
N VAL A 3 19.24 4.47 -38.68
CA VAL A 3 20.28 5.50 -38.74
C VAL A 3 20.10 6.46 -37.57
N MET A 4 21.19 6.75 -36.84
CA MET A 4 21.11 7.65 -35.69
C MET A 4 21.83 8.95 -36.03
N THR A 5 21.22 10.10 -35.75
CA THR A 5 21.86 11.38 -36.10
C THR A 5 21.97 12.15 -34.81
N GLN A 6 23.05 12.89 -34.60
CA GLN A 6 23.15 13.67 -33.37
C GLN A 6 23.43 15.12 -33.73
N SER A 7 23.05 16.03 -32.83
CA SER A 7 23.31 17.45 -33.04
C SER A 7 23.45 18.11 -31.67
N PRO A 8 24.28 19.15 -31.56
CA PRO A 8 25.11 19.62 -32.68
C PRO A 8 26.36 18.75 -32.76
N SER A 9 27.23 18.95 -33.75
CA SER A 9 28.44 18.12 -33.79
C SER A 9 29.40 18.50 -32.65
N SER A 10 29.41 19.75 -32.22
CA SER A 10 30.21 20.09 -31.04
C SER A 10 29.60 21.31 -30.38
N LEU A 11 29.94 21.51 -29.11
CA LEU A 11 29.38 22.62 -28.37
C LEU A 11 30.47 23.07 -27.42
N ALA A 12 30.59 24.37 -27.14
CA ALA A 12 31.59 24.84 -26.19
C ALA A 12 30.87 25.67 -25.13
N MET A 13 31.09 25.34 -23.87
CA MET A 13 30.31 25.99 -22.83
C MET A 13 31.17 26.19 -21.59
N SER A 14 30.86 27.18 -20.76
CA SER A 14 31.67 27.39 -19.58
C SER A 14 31.04 26.63 -18.40
N VAL A 15 31.83 26.34 -17.36
CA VAL A 15 31.31 25.59 -16.22
C VAL A 15 30.08 26.27 -15.63
N GLY A 16 29.05 25.47 -15.35
CA GLY A 16 27.86 26.01 -14.71
C GLY A 16 26.73 26.19 -15.71
N GLN A 17 27.01 26.15 -17.01
CA GLN A 17 25.95 26.40 -17.97
C GLN A 17 25.16 25.13 -18.25
N LYS A 18 23.99 25.29 -18.84
CA LYS A 18 23.15 24.13 -19.13
C LYS A 18 23.47 23.70 -20.56
N VAL A 19 23.59 22.41 -20.84
CA VAL A 19 23.67 22.01 -22.24
C VAL A 19 22.60 21.04 -22.61
N THR A 20 22.19 21.17 -23.86
CA THR A 20 21.18 20.29 -24.42
C THR A 20 21.76 19.68 -25.70
N MET A 21 21.66 18.38 -25.89
CA MET A 21 22.11 17.83 -27.17
C MET A 21 21.09 16.78 -27.56
N SER A 22 20.91 16.61 -28.87
CA SER A 22 19.82 15.75 -29.35
C SER A 22 20.34 14.57 -30.17
N CYS A 23 19.49 13.56 -30.27
CA CYS A 23 19.80 12.35 -31.02
C CYS A 23 18.47 12.00 -31.69
N LYS A 24 18.34 12.00 -33.00
CA LYS A 24 17.10 11.48 -33.57
C LYS A 24 17.49 10.19 -34.25
N SER A 25 16.54 9.31 -34.51
CA SER A 25 16.87 8.12 -35.27
C SER A 25 15.90 8.13 -36.42
N SER A 26 16.09 7.24 -37.36
CA SER A 26 15.30 7.34 -38.59
C SER A 26 14.21 6.30 -38.44
N GLN A 27 14.34 5.47 -37.41
CA GLN A 27 13.27 4.52 -37.14
C GLN A 27 13.10 4.46 -35.64
N SER A 28 11.87 4.14 -35.25
CA SER A 28 11.47 4.12 -33.85
C SER A 28 12.23 3.04 -33.10
N LEU A 29 12.45 3.31 -31.82
CA LEU A 29 13.30 2.42 -31.05
C LEU A 29 12.42 1.96 -29.92
N LEU A 30 11.16 2.28 -30.07
CA LEU A 30 10.17 1.97 -29.05
C LEU A 30 9.52 0.67 -29.44
N ASP A 31 9.30 -0.22 -28.49
CA ASP A 31 8.60 -1.45 -28.84
C ASP A 31 7.13 -1.12 -28.87
N SER A 32 6.33 -2.07 -29.31
CA SER A 32 4.89 -1.84 -29.38
C SER A 32 4.33 -2.73 -28.28
N ARG A 33 5.18 -3.07 -27.33
CA ARG A 33 4.88 -4.25 -26.55
C ARG A 33 5.24 -4.03 -25.10
N ASN A 34 6.34 -3.35 -24.85
CA ASN A 34 6.74 -3.23 -23.45
C ASN A 34 6.77 -1.74 -23.21
N GLN A 35 6.86 -1.05 -24.33
CA GLN A 35 6.78 0.41 -24.33
C GLN A 35 8.01 0.96 -23.66
N LYS A 36 9.14 0.85 -24.32
CA LYS A 36 10.37 1.33 -23.72
C LYS A 36 11.20 1.60 -24.97
N ASN A 37 12.11 2.56 -24.94
CA ASN A 37 12.90 2.88 -26.12
C ASN A 37 14.31 2.43 -25.89
N TYR A 38 14.85 1.85 -26.92
CA TYR A 38 16.06 1.10 -26.79
C TYR A 38 17.14 2.04 -27.30
N LEU A 39 17.50 3.01 -26.48
CA LEU A 39 18.47 4.00 -26.95
C LEU A 39 19.43 4.24 -25.81
N ALA A 40 20.73 4.14 -25.92
CA ALA A 40 21.47 4.50 -24.72
C ALA A 40 22.34 5.69 -25.00
N TRP A 41 22.84 6.29 -23.94
CA TRP A 41 23.80 7.38 -24.10
C TRP A 41 25.13 6.94 -23.47
N TYR A 42 26.23 7.19 -24.18
CA TYR A 42 27.57 6.87 -23.67
C TYR A 42 28.38 8.18 -23.62
N GLN A 43 29.30 8.23 -22.68
CA GLN A 43 30.20 9.38 -22.55
C GLN A 43 31.63 8.86 -22.78
N GLN A 44 32.41 9.53 -23.61
CA GLN A 44 33.79 9.10 -23.82
C GLN A 44 34.68 10.29 -23.50
N LYS A 45 35.32 10.27 -22.34
CA LYS A 45 36.26 11.34 -21.99
C LYS A 45 37.56 11.13 -22.76
N PRO A 46 38.33 12.19 -23.00
CA PRO A 46 39.57 12.12 -23.78
C PRO A 46 40.47 11.04 -23.23
N GLY A 47 40.90 10.13 -24.12
CA GLY A 47 41.88 9.12 -23.76
C GLY A 47 41.28 7.91 -23.07
N GLN A 48 39.96 7.80 -23.07
CA GLN A 48 39.32 6.71 -22.33
C GLN A 48 38.35 6.05 -23.29
N SER A 49 37.84 4.90 -22.88
CA SER A 49 36.82 4.23 -23.69
C SER A 49 35.46 4.83 -23.33
N PRO A 50 34.43 4.61 -24.14
CA PRO A 50 33.08 5.09 -23.83
C PRO A 50 32.59 4.41 -22.55
N LYS A 51 31.72 5.10 -21.83
CA LYS A 51 31.16 4.55 -20.61
C LYS A 51 29.65 4.76 -20.68
N LEU A 52 28.88 3.77 -20.23
CA LEU A 52 27.42 3.87 -20.34
C LEU A 52 26.91 4.92 -19.37
N LEU A 53 26.19 5.93 -19.83
CA LEU A 53 25.62 6.91 -18.92
C LEU A 53 24.16 6.57 -18.66
N VAL A 54 23.41 6.42 -19.75
CA VAL A 54 21.96 6.24 -19.61
C VAL A 54 21.47 5.11 -20.51
N TYR A 55 20.46 4.36 -20.08
CA TYR A 55 19.86 3.32 -20.91
C TYR A 55 18.36 3.33 -20.69
N PHE A 56 17.70 2.56 -21.54
CA PHE A 56 16.28 2.75 -21.80
C PHE A 56 16.36 4.12 -22.40
N ALA A 57 15.48 5.06 -22.30
CA ALA A 57 15.86 6.28 -22.95
C ALA A 57 16.26 7.14 -21.79
N SER A 58 15.96 6.63 -20.61
CA SER A 58 15.98 7.53 -19.45
C SER A 58 16.59 7.01 -18.14
N THR A 59 16.98 5.77 -18.00
CA THR A 59 17.56 5.34 -16.73
C THR A 59 19.02 5.72 -16.68
N ARG A 60 19.38 6.46 -15.65
CA ARG A 60 20.75 6.89 -15.48
C ARG A 60 21.44 5.75 -14.77
N GLU A 61 22.67 5.47 -15.16
CA GLU A 61 23.36 4.30 -14.63
C GLU A 61 23.95 4.75 -13.32
N SER A 62 24.02 3.83 -12.39
CA SER A 62 24.60 4.10 -11.07
C SER A 62 26.06 4.57 -11.21
N GLY A 63 26.42 5.56 -10.36
CA GLY A 63 27.64 6.33 -10.53
C GLY A 63 27.42 7.62 -11.32
N VAL A 64 26.40 7.69 -12.16
CA VAL A 64 26.26 8.87 -13.02
C VAL A 64 25.54 9.97 -12.25
N PRO A 65 26.10 11.18 -12.21
CA PRO A 65 25.50 12.28 -11.48
C PRO A 65 24.12 12.61 -12.03
N ASP A 66 23.27 13.16 -11.17
CA ASP A 66 21.93 13.49 -11.62
C ASP A 66 21.87 14.81 -12.38
N ARG A 67 23.03 15.46 -12.60
CA ARG A 67 23.07 16.56 -13.55
C ARG A 67 22.83 16.07 -14.97
N PHE A 68 23.05 14.78 -15.25
CA PHE A 68 22.76 14.26 -16.59
C PHE A 68 21.32 13.75 -16.60
N ILE A 69 20.52 14.16 -17.58
CA ILE A 69 19.18 13.60 -17.70
C ILE A 69 18.89 13.24 -19.15
N GLY A 70 18.51 11.99 -19.37
CA GLY A 70 18.11 11.58 -20.71
C GLY A 70 16.61 11.73 -20.85
N SER A 71 16.10 12.19 -21.99
CA SER A 71 14.66 12.33 -22.14
C SER A 71 14.26 12.09 -23.59
N GLY A 72 12.97 12.16 -23.89
CA GLY A 72 12.53 12.00 -25.28
C GLY A 72 11.92 10.63 -25.51
N SER A 73 11.41 10.37 -26.72
CA SER A 73 10.74 9.10 -26.99
C SER A 73 10.61 8.91 -28.49
N GLY A 74 10.45 7.67 -28.94
CA GLY A 74 10.16 7.44 -30.34
C GLY A 74 11.40 7.70 -31.20
N THR A 75 11.43 8.82 -31.91
CA THR A 75 12.56 9.08 -32.81
C THR A 75 13.37 10.25 -32.29
N ASP A 76 12.95 10.95 -31.24
CA ASP A 76 13.69 12.16 -30.86
C ASP A 76 14.06 12.16 -29.39
N PHE A 77 15.37 12.16 -29.14
CA PHE A 77 15.88 12.02 -27.78
C PHE A 77 16.80 13.21 -27.43
N THR A 78 16.91 13.48 -26.13
CA THR A 78 17.71 14.61 -25.64
C THR A 78 18.55 14.16 -24.45
N LEU A 79 19.80 14.59 -24.42
CA LEU A 79 20.60 14.47 -23.22
C LEU A 79 20.82 15.89 -22.74
N THR A 80 20.44 16.16 -21.49
CA THR A 80 20.66 17.49 -20.92
C THR A 80 21.67 17.37 -19.77
N ILE A 81 22.57 18.35 -19.68
CA ILE A 81 23.44 18.46 -18.52
C ILE A 81 23.00 19.75 -17.87
N SER A 82 22.50 19.68 -16.64
CA SER A 82 21.84 20.85 -16.05
C SER A 82 22.81 21.97 -15.75
N SER A 83 23.99 21.61 -15.23
CA SER A 83 25.02 22.60 -14.95
C SER A 83 26.32 21.87 -15.28
N VAL A 84 26.96 22.23 -16.37
CA VAL A 84 28.11 21.46 -16.81
C VAL A 84 29.34 21.67 -15.94
N GLN A 85 30.06 20.57 -15.68
CA GLN A 85 31.33 20.70 -14.95
C GLN A 85 32.50 20.35 -15.88
N ALA A 86 33.70 20.78 -15.48
CA ALA A 86 34.91 20.57 -16.28
C ALA A 86 35.13 19.11 -16.61
N GLU A 87 34.82 18.23 -15.67
CA GLU A 87 34.98 16.80 -15.92
C GLU A 87 33.98 16.23 -16.91
N ASP A 88 32.97 16.97 -17.34
CA ASP A 88 32.04 16.45 -18.33
C ASP A 88 32.61 16.59 -19.75
N LEU A 89 33.79 17.17 -19.90
CA LEU A 89 34.46 17.27 -21.20
C LEU A 89 34.50 15.90 -21.85
N ALA A 90 33.92 15.72 -23.04
CA ALA A 90 33.77 14.37 -23.58
C ALA A 90 33.06 14.43 -24.91
N ASP A 91 33.06 13.32 -25.63
CA ASP A 91 32.12 13.17 -26.75
C ASP A 91 30.97 12.31 -26.23
N TYR A 92 29.74 12.73 -26.51
CA TYR A 92 28.58 11.97 -26.07
C TYR A 92 27.94 11.26 -27.27
N PHE A 93 27.73 9.95 -27.18
CA PHE A 93 27.17 9.19 -28.30
C PHE A 93 25.82 8.59 -27.90
N CYS A 94 24.84 8.56 -28.79
CA CYS A 94 23.64 7.82 -28.49
C CYS A 94 23.69 6.54 -29.30
N GLN A 95 22.88 5.57 -28.94
CA GLN A 95 23.01 4.29 -29.58
C GLN A 95 21.66 3.59 -29.62
N GLN A 96 21.36 2.95 -30.73
CA GLN A 96 20.19 2.10 -30.77
C GLN A 96 20.59 0.75 -30.23
N HIS A 97 19.86 0.21 -29.31
CA HIS A 97 20.19 -1.17 -28.97
C HIS A 97 18.91 -1.92 -29.00
N TYR A 98 18.21 -1.55 -30.03
CA TYR A 98 16.92 -2.15 -30.28
C TYR A 98 17.22 -3.44 -31.01
N SER A 99 17.94 -3.34 -32.12
CA SER A 99 18.12 -4.54 -32.93
C SER A 99 19.34 -4.34 -33.77
N THR A 100 19.79 -5.46 -34.29
CA THR A 100 21.07 -5.55 -34.98
C THR A 100 20.88 -5.12 -36.42
N PRO A 101 21.71 -4.25 -36.99
CA PRO A 101 22.83 -3.64 -36.30
C PRO A 101 22.58 -2.77 -35.12
N LEU A 102 23.28 -2.93 -34.01
CA LEU A 102 23.28 -1.85 -33.04
C LEU A 102 24.09 -0.80 -33.77
N THR A 103 23.67 0.42 -33.67
CA THR A 103 24.36 1.46 -34.41
C THR A 103 24.33 2.59 -33.43
N PHE A 104 25.19 3.51 -33.76
CA PHE A 104 25.47 4.67 -32.93
C PHE A 104 25.33 5.94 -33.77
N GLY A 105 25.06 7.04 -33.08
CA GLY A 105 25.12 8.35 -33.71
C GLY A 105 26.58 8.78 -33.80
N ALA A 106 26.82 9.95 -34.40
CA ALA A 106 28.19 10.36 -34.74
C ALA A 106 28.81 11.10 -33.54
N GLY A 107 28.04 11.45 -32.53
CA GLY A 107 28.62 12.08 -31.34
C GLY A 107 28.48 13.60 -31.28
N THR A 108 28.34 14.11 -30.05
CA THR A 108 28.38 15.55 -29.81
C THR A 108 29.61 15.75 -28.94
N LYS A 109 30.56 16.52 -29.42
CA LYS A 109 31.78 16.76 -28.64
C LYS A 109 31.54 17.96 -27.72
N LEU A 110 31.67 17.77 -26.43
CA LEU A 110 31.43 18.87 -25.50
C LEU A 110 32.79 19.46 -25.13
N GLU A 111 33.00 20.75 -25.40
CA GLU A 111 34.26 21.42 -25.04
C GLU A 111 34.01 22.44 -23.93
N LEU A 112 35.06 22.76 -23.19
CA LEU A 112 34.95 23.55 -21.99
C LEU A 112 35.59 24.92 -22.18
N LYS A 113 34.85 26.02 -22.00
CA LYS A 113 35.46 27.34 -22.00
C LYS A 113 35.89 27.66 -20.58
N ARG A 114 37.04 28.34 -20.43
CA ARG A 114 37.54 28.67 -19.10
C ARG A 114 38.38 29.94 -19.18
N ALA A 115 38.90 30.39 -18.04
CA ALA A 115 39.71 31.61 -17.99
C ALA A 115 41.04 31.46 -18.70
N GLU B 1 34.99 -8.69 -9.56
CA GLU B 1 35.15 -7.49 -10.40
C GLU B 1 35.02 -7.88 -11.87
N VAL B 2 33.96 -7.40 -12.53
CA VAL B 2 33.76 -7.73 -13.95
C VAL B 2 34.84 -7.10 -14.82
N LYS B 3 35.45 -7.92 -15.68
CA LYS B 3 36.56 -7.40 -16.48
C LYS B 3 36.64 -8.02 -17.89
N LEU B 4 36.97 -7.18 -18.87
CA LEU B 4 37.17 -7.66 -20.23
C LEU B 4 38.55 -7.14 -20.66
N GLU B 5 39.52 -8.03 -20.80
CA GLU B 5 40.88 -7.60 -21.10
C GLU B 5 41.29 -7.85 -22.51
N GLN B 6 41.77 -6.96 -23.25
CA GLN B 6 42.30 -7.14 -24.56
C GLN B 6 43.81 -6.87 -24.75
N SER B 7 44.65 -7.29 -25.62
CA SER B 7 46.02 -6.67 -25.76
C SER B 7 46.27 -5.34 -26.55
N GLY B 8 47.16 -4.56 -25.81
CA GLY B 8 47.23 -3.15 -26.16
C GLY B 8 47.33 -2.87 -27.66
N ALA B 9 48.11 -3.61 -28.45
CA ALA B 9 48.20 -3.30 -29.86
C ALA B 9 48.57 -4.47 -30.77
N GLU B 10 48.36 -4.24 -32.06
CA GLU B 10 48.71 -5.20 -33.09
C GLU B 10 49.18 -4.41 -34.31
N LEU B 11 50.35 -4.77 -34.83
CA LEU B 11 50.85 -4.12 -36.03
C LEU B 11 50.75 -5.16 -37.12
N ALA B 12 50.03 -4.85 -38.19
CA ALA B 12 49.93 -5.83 -39.25
C ALA B 12 50.19 -5.28 -40.64
N ARG B 13 50.63 -6.17 -41.53
CA ARG B 13 51.00 -5.77 -42.88
C ARG B 13 49.73 -5.69 -43.70
N PRO B 14 49.63 -4.78 -44.67
CA PRO B 14 48.44 -4.67 -45.49
C PRO B 14 48.24 -5.99 -46.21
N GLY B 15 46.99 -6.41 -46.35
CA GLY B 15 46.71 -7.65 -47.06
C GLY B 15 46.76 -8.86 -46.13
N ALA B 16 47.16 -8.66 -44.89
CA ALA B 16 47.26 -9.79 -43.96
C ALA B 16 46.05 -9.81 -43.05
N SER B 17 46.13 -10.50 -41.91
CA SER B 17 44.97 -10.59 -41.03
C SER B 17 45.38 -10.76 -39.57
N VAL B 18 44.42 -10.61 -38.64
CA VAL B 18 44.73 -10.77 -37.22
C VAL B 18 43.57 -11.36 -36.44
N LYS B 19 43.93 -11.95 -35.29
CA LYS B 19 42.92 -12.52 -34.41
C LYS B 19 42.99 -11.76 -33.10
N LEU B 20 42.01 -10.91 -32.87
CA LEU B 20 41.97 -10.14 -31.64
C LEU B 20 41.34 -10.98 -30.55
N SER B 21 41.88 -10.89 -29.34
CA SER B 21 41.35 -11.68 -28.23
C SER B 21 40.75 -10.76 -27.18
N CYS B 22 39.84 -11.32 -26.37
CA CYS B 22 39.17 -10.52 -25.34
C CYS B 22 38.80 -11.50 -24.22
N LYS B 23 39.58 -11.47 -23.14
CA LYS B 23 39.35 -12.39 -22.02
C LYS B 23 38.38 -11.82 -20.99
N ALA B 24 37.36 -12.60 -20.66
CA ALA B 24 36.36 -12.17 -19.69
C ALA B 24 36.63 -12.78 -18.32
N SER B 25 36.09 -12.15 -17.28
CA SER B 25 36.29 -12.63 -15.93
C SER B 25 35.27 -11.93 -15.04
N GLY B 26 34.88 -12.58 -13.97
CA GLY B 26 34.04 -11.91 -12.99
C GLY B 26 32.59 -12.20 -13.25
N TYR B 27 32.27 -13.04 -14.22
CA TYR B 27 30.86 -13.29 -14.50
C TYR B 27 30.76 -14.58 -15.28
N THR B 28 29.56 -15.12 -15.36
CA THR B 28 29.31 -16.33 -16.12
C THR B 28 29.35 -15.97 -17.60
N PHE B 29 30.40 -16.43 -18.26
CA PHE B 29 30.71 -15.99 -19.63
C PHE B 29 29.57 -16.31 -20.58
N ALA B 30 28.97 -17.46 -20.41
CA ALA B 30 27.99 -17.90 -21.41
C ALA B 30 26.65 -17.22 -21.19
N SER B 31 26.53 -16.49 -20.10
CA SER B 31 25.25 -15.90 -19.74
C SER B 31 24.98 -14.62 -20.53
N TYR B 32 25.92 -14.11 -21.31
CA TYR B 32 25.68 -12.80 -21.93
C TYR B 32 26.31 -12.82 -23.32
N TRP B 33 25.75 -12.06 -24.26
CA TRP B 33 26.27 -12.03 -25.64
C TRP B 33 27.49 -11.12 -25.65
N MET B 34 28.35 -11.23 -26.65
CA MET B 34 29.57 -10.43 -26.68
C MET B 34 29.53 -9.58 -27.93
N GLN B 35 29.87 -8.31 -27.81
CA GLN B 35 29.74 -7.40 -28.95
C GLN B 35 31.14 -6.92 -29.30
N TRP B 36 31.30 -6.47 -30.54
CA TRP B 36 32.60 -5.97 -30.99
C TRP B 36 32.33 -4.63 -31.68
N VAL B 37 33.08 -3.61 -31.29
CA VAL B 37 32.87 -2.28 -31.87
C VAL B 37 34.19 -1.72 -32.39
N LYS B 38 34.12 -0.93 -33.44
CA LYS B 38 35.30 -0.35 -34.06
C LYS B 38 35.26 1.16 -33.90
N GLN B 39 36.38 1.76 -33.53
CA GLN B 39 36.43 3.21 -33.37
C GLN B 39 37.62 3.82 -34.10
N ARG B 40 37.33 4.67 -35.07
CA ARG B 40 38.36 5.37 -35.83
C ARG B 40 38.29 6.81 -35.36
N PRO B 41 39.43 7.45 -35.13
CA PRO B 41 39.47 8.83 -34.64
C PRO B 41 38.71 9.78 -35.56
N GLY B 42 37.75 10.50 -34.97
CA GLY B 42 36.98 11.45 -35.76
C GLY B 42 35.72 10.81 -36.33
N GLN B 43 35.80 9.54 -36.70
CA GLN B 43 34.66 8.86 -37.31
C GLN B 43 33.66 8.52 -36.21
N GLY B 44 34.13 7.98 -35.10
CA GLY B 44 33.20 7.63 -34.04
C GLY B 44 33.18 6.13 -33.82
N LEU B 45 32.05 5.61 -33.31
CA LEU B 45 31.97 4.18 -33.03
C LEU B 45 31.14 3.45 -34.10
N GLU B 46 31.50 2.19 -34.36
CA GLU B 46 30.82 1.40 -35.38
C GLU B 46 30.64 -0.03 -34.85
N TRP B 47 29.46 -0.60 -34.99
CA TRP B 47 29.21 -1.96 -34.49
C TRP B 47 29.56 -3.01 -35.54
N ILE B 48 30.35 -4.01 -35.15
CA ILE B 48 30.80 -5.04 -36.09
C ILE B 48 29.87 -6.25 -36.06
N GLY B 49 29.54 -6.77 -34.89
CA GLY B 49 28.68 -7.94 -34.85
C GLY B 49 28.64 -8.45 -33.42
N ALA B 50 27.88 -9.51 -33.17
CA ALA B 50 27.86 -10.08 -31.83
C ALA B 50 27.77 -11.59 -31.94
N ILE B 51 27.96 -12.26 -30.81
CA ILE B 51 27.97 -13.72 -30.81
C ILE B 51 27.45 -14.15 -29.43
N TYR B 52 26.63 -15.18 -29.40
CA TYR B 52 26.20 -15.74 -28.13
C TYR B 52 27.22 -16.83 -27.87
N PRO B 53 27.86 -16.84 -26.70
CA PRO B 53 28.92 -17.80 -26.42
C PRO B 53 28.38 -19.19 -26.11
N GLY B 54 27.10 -19.28 -25.79
CA GLY B 54 26.55 -20.55 -25.37
C GLY B 54 26.43 -21.46 -26.57
N ASP B 55 26.12 -20.92 -27.74
CA ASP B 55 25.92 -21.84 -28.86
C ASP B 55 26.68 -21.32 -30.07
N GLY B 56 27.32 -20.18 -29.93
CA GLY B 56 28.20 -19.74 -31.00
C GLY B 56 27.44 -19.01 -32.09
N ASP B 57 26.23 -18.57 -31.79
CA ASP B 57 25.40 -18.00 -32.86
C ASP B 57 25.89 -16.59 -33.11
N THR B 58 26.09 -16.21 -34.35
CA THR B 58 26.66 -14.89 -34.64
C THR B 58 25.66 -14.06 -35.40
N TRP B 59 25.85 -12.75 -35.38
CA TRP B 59 25.01 -11.84 -36.15
C TRP B 59 25.99 -10.76 -36.55
N TYR B 60 26.03 -10.41 -37.84
CA TYR B 60 27.03 -9.45 -38.30
C TYR B 60 26.39 -8.19 -38.89
N THR B 61 27.20 -7.14 -38.96
CA THR B 61 26.76 -5.90 -39.60
C THR B 61 27.06 -6.20 -41.04
N GLN B 62 26.09 -6.07 -41.94
CA GLN B 62 26.29 -6.35 -43.36
C GLN B 62 27.61 -5.82 -43.90
N LYS B 63 27.95 -4.60 -43.48
CA LYS B 63 29.21 -3.97 -43.87
C LYS B 63 30.46 -4.76 -43.55
N PHE B 64 30.42 -5.62 -42.56
CA PHE B 64 31.61 -6.36 -42.17
C PHE B 64 31.48 -7.86 -42.46
N LYS B 65 30.39 -8.27 -43.11
CA LYS B 65 30.21 -9.68 -43.43
C LYS B 65 31.27 -10.09 -44.45
N GLY B 66 32.23 -10.91 -44.02
CA GLY B 66 33.24 -11.35 -44.97
C GLY B 66 34.57 -10.68 -44.62
N LYS B 67 34.56 -9.88 -43.57
CA LYS B 67 35.79 -9.18 -43.18
C LYS B 67 36.09 -9.62 -41.76
N ALA B 68 35.04 -9.88 -40.99
CA ALA B 68 35.25 -10.27 -39.60
C ALA B 68 34.58 -11.61 -39.28
N THR B 69 35.27 -12.45 -38.51
CA THR B 69 34.74 -13.75 -38.11
C THR B 69 34.81 -13.79 -36.58
N LEU B 70 33.71 -14.12 -35.91
CA LEU B 70 33.68 -14.13 -34.46
C LEU B 70 33.59 -15.58 -33.95
N THR B 71 34.37 -15.88 -32.90
CA THR B 71 34.33 -17.20 -32.29
C THR B 71 34.55 -17.02 -30.81
N ALA B 72 34.40 -18.08 -30.03
CA ALA B 72 34.74 -17.97 -28.62
C ALA B 72 35.17 -19.31 -28.06
N ASP B 73 35.75 -19.27 -26.88
CA ASP B 73 36.27 -20.48 -26.28
C ASP B 73 35.68 -20.49 -24.89
N LYS B 74 34.55 -21.18 -24.75
CA LYS B 74 33.86 -21.25 -23.46
C LYS B 74 34.70 -21.97 -22.41
N SER B 75 35.76 -22.64 -22.81
CA SER B 75 36.63 -23.29 -21.84
C SER B 75 37.51 -22.27 -21.16
N SER B 76 38.05 -21.30 -21.91
CA SER B 76 38.96 -20.33 -21.30
C SER B 76 38.28 -18.97 -21.11
N SER B 77 37.00 -18.86 -21.45
CA SER B 77 36.28 -17.61 -21.27
C SER B 77 36.82 -16.51 -22.18
N THR B 78 37.22 -16.87 -23.40
CA THR B 78 37.80 -15.87 -24.29
C THR B 78 36.92 -15.75 -25.53
N ALA B 79 36.78 -14.55 -26.07
CA ALA B 79 36.02 -14.35 -27.29
C ALA B 79 37.03 -13.88 -28.33
N TYR B 80 36.78 -14.14 -29.60
CA TYR B 80 37.77 -13.79 -30.62
C TYR B 80 37.11 -13.15 -31.85
N MET B 81 37.92 -12.39 -32.57
CA MET B 81 37.44 -11.77 -33.80
C MET B 81 38.63 -11.77 -34.75
N GLN B 82 38.46 -12.32 -35.94
CA GLN B 82 39.53 -12.33 -36.92
C GLN B 82 39.15 -11.28 -37.95
N LEU B 83 40.12 -10.49 -38.39
CA LEU B 83 39.86 -9.49 -39.42
C LEU B 83 40.75 -9.92 -40.56
N SER B 84 40.21 -10.03 -41.77
CA SER B 84 40.99 -10.54 -42.89
C SER B 84 41.24 -9.49 -43.97
N SER B 85 42.32 -9.70 -44.74
CA SER B 85 42.67 -8.80 -45.84
C SER B 85 42.68 -7.34 -45.41
N LEU B 86 43.42 -7.02 -44.37
CA LEU B 86 43.39 -5.67 -43.81
C LEU B 86 43.97 -4.61 -44.74
N ALA B 87 43.43 -3.40 -44.64
CA ALA B 87 43.95 -2.30 -45.41
C ALA B 87 44.01 -1.10 -44.49
N SER B 88 44.60 0.00 -44.96
CA SER B 88 44.84 1.15 -44.10
C SER B 88 43.57 1.62 -43.41
N GLU B 89 42.43 1.49 -44.11
CA GLU B 89 41.15 1.90 -43.55
C GLU B 89 40.74 1.04 -42.36
N ASP B 90 41.39 -0.09 -42.14
CA ASP B 90 41.06 -0.95 -41.02
C ASP B 90 41.81 -0.55 -39.75
N SER B 91 42.72 0.41 -39.85
CA SER B 91 43.45 0.84 -38.66
C SER B 91 42.48 1.48 -37.67
N ALA B 92 42.50 1.04 -36.42
CA ALA B 92 41.58 1.63 -35.44
C ALA B 92 41.72 0.95 -34.08
N VAL B 93 40.84 1.34 -33.15
CA VAL B 93 40.82 0.73 -31.83
C VAL B 93 39.60 -0.19 -31.84
N TYR B 94 39.78 -1.44 -31.42
CA TYR B 94 38.68 -2.39 -31.47
C TYR B 94 38.26 -2.81 -30.06
N TYR B 95 36.97 -2.66 -29.74
CA TYR B 95 36.48 -2.98 -28.40
C TYR B 95 35.56 -4.20 -28.40
N CYS B 96 35.63 -4.98 -27.34
CA CYS B 96 34.67 -6.07 -27.16
C CYS B 96 33.81 -5.51 -26.02
N ALA B 97 32.46 -5.51 -26.10
CA ALA B 97 31.65 -5.00 -25.00
C ALA B 97 30.43 -5.88 -24.67
N ARG B 98 30.00 -5.85 -23.42
CA ARG B 98 28.90 -6.70 -22.97
C ARG B 98 27.58 -5.93 -22.92
N PRO B 99 26.47 -6.62 -23.19
CA PRO B 99 25.17 -5.97 -23.22
C PRO B 99 24.15 -6.64 -22.28
N PRO B 100 23.53 -5.83 -21.49
CA PRO B 100 22.38 -6.26 -20.71
C PRO B 100 21.17 -5.68 -21.44
N TYR B 101 19.97 -6.14 -21.12
CA TYR B 101 18.85 -5.83 -22.00
C TYR B 101 17.57 -5.99 -21.21
N TYR B 102 17.72 -6.26 -19.93
CA TYR B 102 16.55 -6.46 -19.08
C TYR B 102 15.85 -5.11 -18.96
N TYR B 103 14.76 -5.07 -18.22
CA TYR B 103 14.00 -3.83 -18.03
C TYR B 103 12.89 -3.78 -19.06
N GLY B 104 13.14 -4.29 -20.26
CA GLY B 104 12.05 -4.31 -21.23
C GLY B 104 12.50 -3.40 -22.33
N THR B 105 13.70 -2.87 -22.18
CA THR B 105 14.22 -1.98 -23.20
C THR B 105 15.65 -2.32 -23.59
N THR B 106 16.41 -1.32 -24.03
CA THR B 106 17.62 -1.56 -24.83
C THR B 106 18.71 -2.45 -24.31
N TYR B 107 19.40 -3.08 -25.25
CA TYR B 107 20.68 -3.76 -25.00
C TYR B 107 21.81 -2.79 -24.67
N TYR B 108 21.79 -2.19 -23.51
CA TYR B 108 22.58 -1.01 -23.22
C TYR B 108 23.93 -1.48 -22.76
N PHE B 109 25.00 -1.17 -23.43
CA PHE B 109 26.27 -1.79 -23.07
C PHE B 109 26.74 -1.28 -21.73
N ASP B 110 27.19 -2.20 -20.94
CA ASP B 110 27.40 -1.87 -19.54
C ASP B 110 28.84 -2.11 -19.19
N TYR B 111 29.57 -2.81 -20.04
CA TYR B 111 30.96 -3.12 -19.68
C TYR B 111 31.78 -3.18 -20.96
N TRP B 112 32.90 -2.47 -21.00
CA TRP B 112 33.69 -2.41 -22.25
C TRP B 112 35.12 -2.87 -21.97
N GLY B 113 35.77 -3.41 -22.99
CA GLY B 113 37.13 -3.88 -22.80
C GLY B 113 38.09 -2.71 -22.91
N GLN B 114 39.36 -2.95 -22.58
CA GLN B 114 40.35 -1.87 -22.60
C GLN B 114 40.68 -1.43 -24.01
N GLY B 115 40.32 -2.22 -25.01
CA GLY B 115 40.52 -1.80 -26.40
C GLY B 115 41.88 -2.22 -26.96
N THR B 116 41.93 -2.50 -28.25
CA THR B 116 43.18 -2.91 -28.89
C THR B 116 43.49 -1.99 -30.07
N THR B 117 44.65 -1.35 -30.05
CA THR B 117 45.01 -0.46 -31.15
C THR B 117 45.63 -1.28 -32.27
N LEU B 118 44.96 -1.35 -33.41
CA LEU B 118 45.49 -2.10 -34.55
C LEU B 118 45.95 -1.12 -35.62
N THR B 119 47.16 -1.35 -36.11
CA THR B 119 47.73 -0.46 -37.12
C THR B 119 48.13 -1.29 -38.35
N VAL B 120 47.63 -0.90 -39.52
CA VAL B 120 47.99 -1.60 -40.75
C VAL B 120 49.07 -0.77 -41.45
N SER B 121 50.25 -1.37 -41.65
CA SER B 121 51.34 -0.64 -42.27
C SER B 121 52.47 -1.60 -42.63
N ASP C 1 32.87 -17.49 -1.23
CA ASP C 1 32.10 -16.76 -0.22
C ASP C 1 31.94 -15.33 -0.67
N ILE C 2 30.83 -14.70 -0.31
CA ILE C 2 30.66 -13.30 -0.72
C ILE C 2 31.39 -12.38 0.25
N VAL C 3 32.22 -11.49 -0.27
CA VAL C 3 32.97 -10.59 0.62
C VAL C 3 32.20 -9.28 0.76
N MET C 4 32.00 -8.80 1.98
CA MET C 4 31.27 -7.54 2.18
C MET C 4 32.26 -6.48 2.67
N THR C 5 32.21 -5.28 2.09
CA THR C 5 33.16 -4.24 2.49
C THR C 5 32.33 -3.06 2.95
N GLN C 6 32.74 -2.34 3.98
CA GLN C 6 31.95 -1.18 4.39
C GLN C 6 32.86 0.03 4.44
N SER C 7 32.26 1.22 4.29
CA SER C 7 33.03 2.47 4.36
C SER C 7 32.09 3.56 4.87
N PRO C 8 32.62 4.53 5.62
CA PRO C 8 34.02 4.54 6.02
C PRO C 8 34.19 3.65 7.24
N SER C 9 35.41 3.45 7.75
CA SER C 9 35.54 2.61 8.95
C SER C 9 34.97 3.33 10.17
N SER C 10 35.03 4.66 10.23
CA SER C 10 34.36 5.35 11.33
C SER C 10 34.01 6.76 10.86
N LEU C 11 33.07 7.36 11.56
CA LEU C 11 32.62 8.69 11.18
C LEU C 11 32.28 9.41 12.48
N ALA C 12 32.53 10.71 12.58
CA ALA C 12 32.16 11.44 13.79
C ALA C 12 31.28 12.62 13.37
N MET C 13 30.12 12.75 14.00
CA MET C 13 29.19 13.76 13.52
C MET C 13 28.43 14.34 14.71
N SER C 14 27.95 15.57 14.59
CA SER C 14 27.23 16.15 15.72
C SER C 14 25.73 15.87 15.55
N VAL C 15 24.96 15.94 16.64
CA VAL C 15 23.53 15.66 16.55
C VAL C 15 22.85 16.56 15.52
N GLY C 16 22.00 15.96 14.69
CA GLY C 16 21.25 16.74 13.72
C GLY C 16 21.83 16.60 12.32
N GLN C 17 23.05 16.09 12.20
CA GLN C 17 23.66 16.02 10.87
C GLN C 17 23.22 14.78 10.13
N LYS C 18 23.41 14.77 8.82
CA LYS C 18 23.02 13.61 8.04
C LYS C 18 24.23 12.69 7.92
N VAL C 19 24.05 11.39 8.04
CA VAL C 19 25.19 10.52 7.73
C VAL C 19 24.84 9.52 6.66
N THR C 20 25.86 9.22 5.88
CA THR C 20 25.73 8.24 4.80
C THR C 20 26.82 7.20 5.01
N MET C 21 26.52 5.92 4.94
CA MET C 21 27.59 4.93 5.02
C MET C 21 27.27 3.86 4.01
N SER C 22 28.29 3.24 3.44
CA SER C 22 28.08 2.31 2.33
C SER C 22 28.55 0.91 2.65
N CYS C 23 28.02 -0.04 1.89
CA CYS C 23 28.37 -1.45 2.04
C CYS C 23 28.41 -1.96 0.60
N LYS C 24 29.53 -2.43 0.08
CA LYS C 24 29.45 -3.05 -1.24
C LYS C 24 29.73 -4.51 -0.99
N SER C 25 29.36 -5.38 -1.90
CA SER C 25 29.72 -6.78 -1.73
C SER C 25 30.43 -7.13 -3.01
N SER C 26 31.03 -8.31 -3.05
CA SER C 26 31.89 -8.62 -4.18
C SER C 26 31.05 -9.49 -5.09
N GLN C 27 29.90 -9.91 -4.60
CA GLN C 27 28.99 -10.66 -5.46
C GLN C 27 27.59 -10.18 -5.15
N SER C 28 26.75 -10.29 -6.16
CA SER C 28 25.38 -9.80 -6.10
C SER C 28 24.58 -10.58 -5.08
N LEU C 29 23.61 -9.88 -4.48
CA LEU C 29 22.90 -10.48 -3.37
C LEU C 29 21.46 -10.48 -3.83
N LEU C 30 21.31 -10.17 -5.09
CA LEU C 30 19.98 -10.06 -5.68
C LEU C 30 19.66 -11.38 -6.33
N ASP C 31 18.45 -11.88 -6.17
CA ASP C 31 18.11 -13.13 -6.85
C ASP C 31 17.79 -12.77 -8.28
N SER C 32 17.59 -13.79 -9.10
CA SER C 32 17.28 -13.53 -10.51
C SER C 32 15.83 -13.95 -10.63
N ARG C 33 15.14 -13.97 -9.51
CA ARG C 33 13.94 -14.79 -9.46
C ARG C 33 12.85 -14.08 -8.69
N ASN C 34 13.21 -13.40 -7.61
CA ASN C 34 12.14 -12.81 -6.81
C ASN C 34 12.46 -11.34 -6.83
N GLN C 35 13.73 -11.09 -7.13
CA GLN C 35 14.21 -9.73 -7.32
C GLN C 35 14.19 -9.03 -5.99
N LYS C 36 15.09 -9.41 -5.10
CA LYS C 36 15.12 -8.79 -3.79
C LYS C 36 16.57 -9.01 -3.42
N ASN C 37 17.17 -8.14 -2.63
CA ASN C 37 18.57 -8.30 -2.26
C ASN C 37 18.66 -8.70 -0.82
N TYR C 38 19.55 -9.63 -0.58
CA TYR C 38 19.54 -10.33 0.67
C TYR C 38 20.66 -9.67 1.45
N LEU C 39 20.39 -8.50 1.98
CA LEU C 39 21.45 -7.77 2.67
C LEU C 39 20.84 -7.18 3.93
N ALA C 40 21.30 -7.37 5.13
CA ALA C 40 20.61 -6.64 6.18
C ALA C 40 21.55 -5.66 6.82
N TRP C 41 20.99 -4.74 7.58
CA TRP C 41 21.80 -3.83 8.37
C TRP C 41 21.51 -4.07 9.85
N TYR C 42 22.57 -4.13 10.65
CA TYR C 42 22.44 -4.31 12.10
C TYR C 42 23.10 -3.10 12.78
N GLN C 43 22.57 -2.75 13.95
CA GLN C 43 23.15 -1.68 14.76
C GLN C 43 23.63 -2.29 16.07
N GLN C 44 24.84 -1.99 16.51
CA GLN C 44 25.31 -2.54 17.78
C GLN C 44 25.73 -1.35 18.64
N LYS C 45 24.89 -0.98 19.60
CA LYS C 45 25.25 0.10 20.53
C LYS C 45 26.28 -0.42 21.53
N PRO C 46 27.10 0.46 22.11
CA PRO C 46 28.15 0.07 23.04
C PRO C 46 27.57 -0.79 24.15
N GLY C 47 28.19 -1.96 24.35
CA GLY C 47 27.83 -2.82 25.47
C GLY C 47 26.60 -3.68 25.20
N GLN C 48 26.15 -3.75 23.95
CA GLN C 48 24.92 -4.47 23.67
C GLN C 48 25.23 -5.39 22.50
N SER C 49 24.31 -6.30 22.23
CA SER C 49 24.48 -7.17 21.06
C SER C 49 23.92 -6.42 19.84
N PRO C 50 24.24 -6.87 18.63
CA PRO C 50 23.71 -6.26 17.42
C PRO C 50 22.19 -6.42 17.39
N LYS C 51 21.52 -5.49 16.74
CA LYS C 51 20.06 -5.54 16.64
C LYS C 51 19.73 -5.32 15.16
N LEU C 52 18.74 -6.04 14.64
CA LEU C 52 18.41 -5.93 13.22
C LEU C 52 17.75 -4.58 12.97
N LEU C 53 18.29 -3.78 12.05
CA LEU C 53 17.64 -2.51 11.73
C LEU C 53 16.82 -2.69 10.45
N VAL C 54 17.49 -3.18 9.41
CA VAL C 54 16.86 -3.24 8.09
C VAL C 54 17.12 -4.59 7.44
N TYR C 55 16.15 -5.10 6.67
CA TYR C 55 16.33 -6.33 5.91
C TYR C 55 15.66 -6.19 4.57
N PHE C 56 15.94 -7.18 3.74
CA PHE C 56 15.78 -7.03 2.29
C PHE C 56 16.82 -5.97 2.08
N ALA C 57 16.76 -5.02 1.21
CA ALA C 57 17.90 -4.12 1.26
C ALA C 57 17.29 -2.93 1.94
N SER C 58 15.97 -2.97 2.07
CA SER C 58 15.26 -1.74 2.38
C SER C 58 14.13 -1.76 3.40
N THR C 59 13.70 -2.91 3.91
CA THR C 59 12.60 -2.89 4.87
C THR C 59 13.16 -2.57 6.26
N ARG C 60 12.61 -1.53 6.86
CA ARG C 60 13.05 -1.11 8.19
C ARG C 60 12.24 -1.97 9.14
N GLU C 61 12.88 -2.42 10.21
CA GLU C 61 12.23 -3.36 11.11
C GLU C 61 11.42 -2.49 12.05
N SER C 62 10.29 -3.03 12.46
CA SER C 62 9.41 -2.34 13.41
C SER C 62 10.15 -2.01 14.71
N GLY C 63 9.86 -0.80 15.24
CA GLY C 63 10.67 -0.20 16.29
C GLY C 63 11.73 0.75 15.74
N VAL C 64 12.18 0.57 14.50
CA VAL C 64 13.31 1.36 14.02
C VAL C 64 12.78 2.70 13.49
N PRO C 65 13.34 3.82 13.94
CA PRO C 65 12.90 5.13 13.51
C PRO C 65 13.06 5.31 12.01
N ASP C 66 12.21 6.15 11.43
CA ASP C 66 12.31 6.35 10.00
C ASP C 66 13.42 7.32 9.61
N ARG C 67 14.20 7.81 10.59
CA ARG C 67 15.43 8.50 10.25
C ARG C 67 16.44 7.55 9.62
N PHE C 68 16.32 6.24 9.84
CA PHE C 68 17.22 5.29 9.18
C PHE C 68 16.59 4.86 7.87
N ILE C 69 17.35 4.94 6.77
CA ILE C 69 16.83 4.44 5.50
C ILE C 69 17.90 3.61 4.81
N GLY C 70 17.54 2.37 4.47
CA GLY C 70 18.46 1.53 3.70
C GLY C 70 18.15 1.69 2.22
N SER C 71 19.16 1.74 1.36
CA SER C 71 18.89 1.87 -0.07
C SER C 71 19.96 1.16 -0.87
N GLY C 72 19.84 1.16 -2.19
CA GLY C 72 20.87 0.54 -3.03
C GLY C 72 20.41 -0.80 -3.58
N SER C 73 21.23 -1.44 -4.42
CA SER C 73 20.81 -2.70 -5.05
C SER C 73 22.04 -3.40 -5.61
N GLY C 74 21.95 -4.71 -5.82
CA GLY C 74 23.02 -5.41 -6.51
C GLY C 74 24.25 -5.51 -5.62
N THR C 75 25.28 -4.71 -5.89
CA THR C 75 26.51 -4.84 -5.13
C THR C 75 26.73 -3.60 -4.28
N ASP C 76 25.91 -2.56 -4.41
CA ASP C 76 26.22 -1.32 -3.69
C ASP C 76 25.04 -0.82 -2.87
N PHE C 77 25.23 -0.78 -1.55
CA PHE C 77 24.15 -0.45 -0.63
C PHE C 77 24.54 0.74 0.25
N THR C 78 23.53 1.45 0.74
CA THR C 78 23.74 2.64 1.56
C THR C 78 22.80 2.61 2.76
N LEU C 79 23.32 2.96 3.93
CA LEU C 79 22.46 3.24 5.07
C LEU C 79 22.61 4.74 5.32
N THR C 80 21.47 5.44 5.33
CA THR C 80 21.49 6.89 5.61
C THR C 80 20.76 7.12 6.93
N ILE C 81 21.31 8.03 7.74
CA ILE C 81 20.59 8.51 8.92
C ILE C 81 20.32 9.98 8.61
N SER C 82 19.07 10.35 8.52
CA SER C 82 18.74 11.68 7.98
C SER C 82 19.17 12.79 8.92
N SER C 83 18.95 12.60 10.22
CA SER C 83 19.38 13.57 11.21
C SER C 83 19.83 12.72 12.39
N VAL C 84 21.12 12.66 12.63
CA VAL C 84 21.60 11.72 13.65
C VAL C 84 21.30 12.18 15.07
N GLN C 85 20.92 11.21 15.92
CA GLN C 85 20.72 11.53 17.33
C GLN C 85 21.80 10.85 18.18
N ALA C 86 21.96 11.34 19.41
CA ALA C 86 22.98 10.81 20.32
C ALA C 86 22.83 9.31 20.54
N GLU C 87 21.60 8.83 20.60
CA GLU C 87 21.37 7.40 20.78
C GLU C 87 21.74 6.56 19.58
N ASP C 88 22.06 7.14 18.42
CA ASP C 88 22.46 6.35 17.28
C ASP C 88 23.93 5.95 17.37
N LEU C 89 24.64 6.40 18.40
CA LEU C 89 26.05 6.00 18.62
C LEU C 89 26.15 4.49 18.56
N ALA C 90 26.96 3.93 17.65
CA ALA C 90 26.91 2.48 17.44
C ALA C 90 27.88 2.10 16.36
N ASP C 91 28.14 0.80 16.22
CA ASP C 91 28.78 0.31 14.99
C ASP C 91 27.66 -0.26 14.13
N TYR C 92 27.65 0.08 12.84
CA TYR C 92 26.64 -0.43 11.93
C TYR C 92 27.26 -1.49 11.01
N PHE C 93 26.66 -2.67 10.93
CA PHE C 93 27.20 -3.75 10.10
C PHE C 93 26.21 -4.12 9.00
N CYS C 94 26.69 -4.41 7.81
CA CYS C 94 25.78 -4.95 6.81
C CYS C 94 26.07 -6.44 6.70
N GLN C 95 25.15 -7.19 6.12
CA GLN C 95 25.32 -8.62 6.14
C GLN C 95 24.68 -9.22 4.91
N GLN C 96 25.34 -10.20 4.32
CA GLN C 96 24.72 -10.96 3.26
C GLN C 96 23.90 -12.05 3.92
N HIS C 97 22.66 -12.20 3.56
CA HIS C 97 22.01 -13.39 4.07
C HIS C 97 21.36 -14.05 2.91
N TYR C 98 22.17 -14.03 1.89
CA TYR C 98 21.78 -14.64 0.64
C TYR C 98 22.07 -16.11 0.79
N SER C 99 23.31 -16.44 1.11
CA SER C 99 23.67 -17.84 1.14
C SER C 99 24.88 -18.01 2.01
N THR C 100 25.08 -19.26 2.37
CA THR C 100 26.06 -19.63 3.37
C THR C 100 27.43 -19.73 2.71
N PRO C 101 28.48 -19.15 3.25
CA PRO C 101 28.45 -18.38 4.48
C PRO C 101 27.63 -17.14 4.55
N LEU C 102 26.82 -16.93 5.58
CA LEU C 102 26.33 -15.58 5.78
C LEU C 102 27.60 -14.89 6.24
N THR C 103 27.80 -13.69 5.79
CA THR C 103 29.04 -13.01 6.12
C THR C 103 28.55 -11.61 6.32
N PHE C 104 29.44 -10.91 6.97
CA PHE C 104 29.19 -9.54 7.40
C PHE C 104 30.33 -8.64 6.92
N GLY C 105 30.01 -7.35 6.79
CA GLY C 105 31.04 -6.37 6.55
C GLY C 105 31.74 -6.06 7.88
N ALA C 106 32.75 -5.18 7.84
CA ALA C 106 33.61 -4.96 8.99
C ALA C 106 33.02 -3.88 9.90
N GLY C 107 31.99 -3.17 9.45
CA GLY C 107 31.36 -2.17 10.33
C GLY C 107 31.78 -0.73 10.10
N THR C 108 30.82 0.18 10.31
CA THR C 108 31.11 1.61 10.31
C THR C 108 30.81 2.07 11.74
N LYS C 109 31.81 2.57 12.44
CA LYS C 109 31.59 3.02 13.80
C LYS C 109 31.12 4.47 13.78
N LEU C 110 29.95 4.75 14.32
CA LEU C 110 29.43 6.11 14.29
C LEU C 110 29.74 6.74 15.65
N GLU C 111 30.49 7.85 15.68
CA GLU C 111 30.80 8.54 16.92
C GLU C 111 30.10 9.90 16.96
N LEU C 112 29.89 10.41 18.16
CA LEU C 112 29.06 11.58 18.37
C LEU C 112 29.91 12.77 18.82
N LYS C 113 29.90 13.89 18.08
CA LYS C 113 30.56 15.11 18.56
C LYS C 113 29.55 15.88 19.39
N ARG C 114 30.01 16.52 20.46
CA ARG C 114 29.10 17.28 21.33
C ARG C 114 29.90 18.40 22.01
N ALA C 115 29.20 19.20 22.83
CA ALA C 115 29.83 20.33 23.51
C ALA C 115 30.84 19.88 24.57
N GLU D 1 6.94 -14.19 24.68
CA GLU D 1 8.16 -13.38 24.48
C GLU D 1 9.26 -14.26 23.92
N VAL D 2 9.68 -14.00 22.68
CA VAL D 2 10.76 -14.79 22.08
C VAL D 2 12.08 -14.56 22.79
N LYS D 3 12.75 -15.64 23.16
CA LYS D 3 14.00 -15.50 23.92
C LYS D 3 15.04 -16.57 23.62
N LEU D 4 16.31 -16.15 23.56
CA LEU D 4 17.41 -17.08 23.35
C LEU D 4 18.39 -16.79 24.49
N GLU D 5 18.53 -17.72 25.43
CA GLU D 5 19.37 -17.48 26.59
C GLU D 5 20.66 -18.23 26.57
N GLN D 6 21.78 -17.68 26.73
CA GLN D 6 23.04 -18.33 26.84
C GLN D 6 23.77 -18.21 28.19
N SER D 7 24.65 -18.95 28.74
CA SER D 7 25.44 -18.47 29.95
C SER D 7 26.67 -17.52 29.84
N GLY D 8 26.57 -16.55 30.85
CA GLY D 8 27.40 -15.37 30.71
C GLY D 8 28.84 -15.64 30.32
N ALA D 9 29.53 -16.64 30.88
CA ALA D 9 30.91 -16.85 30.49
C ALA D 9 31.43 -18.28 30.65
N GLU D 10 32.58 -18.51 30.04
CA GLU D 10 33.26 -19.78 30.12
C GLU D 10 34.76 -19.49 30.13
N LEU D 11 35.47 -20.06 31.10
CA LEU D 11 36.92 -19.89 31.15
C LEU D 11 37.48 -21.25 30.80
N ALA D 12 38.31 -21.31 29.76
CA ALA D 12 38.87 -22.60 29.41
C ALA D 12 40.38 -22.58 29.19
N ARG D 13 40.99 -23.74 29.40
CA ARG D 13 42.44 -23.85 29.29
C ARG D 13 42.80 -24.01 27.83
N PRO D 14 43.93 -23.50 27.36
CA PRO D 14 44.32 -23.64 25.97
C PRO D 14 44.43 -25.12 25.66
N GLY D 15 44.01 -25.51 24.46
CA GLY D 15 44.13 -26.90 24.08
C GLY D 15 42.90 -27.70 24.49
N ALA D 16 41.99 -27.11 25.25
CA ALA D 16 40.82 -27.84 25.73
C ALA D 16 39.62 -27.49 24.86
N SER D 17 38.41 -27.74 25.35
CA SER D 17 37.22 -27.46 24.51
C SER D 17 36.01 -27.12 25.37
N VAL D 18 34.94 -26.61 24.73
CA VAL D 18 33.72 -26.27 25.48
C VAL D 18 32.46 -26.51 24.68
N LYS D 19 31.36 -26.66 25.41
CA LYS D 19 30.07 -26.85 24.77
C LYS D 19 29.20 -25.68 25.19
N LEU D 20 28.97 -24.77 24.26
CA LEU D 20 28.14 -23.61 24.56
C LEU D 20 26.69 -23.99 24.35
N SER D 21 25.82 -23.49 25.24
CA SER D 21 24.40 -23.83 25.14
C SER D 21 23.60 -22.57 24.82
N CYS D 22 22.41 -22.76 24.25
CA CYS D 22 21.57 -21.64 23.88
C CYS D 22 20.12 -22.14 23.95
N LYS D 23 19.42 -21.77 25.02
CA LYS D 23 18.05 -22.23 25.22
C LYS D 23 17.02 -21.29 24.58
N ALA D 24 16.14 -21.86 23.77
CA ALA D 24 15.11 -21.07 23.10
C ALA D 24 13.77 -21.17 23.82
N SER D 25 12.90 -20.19 23.58
CA SER D 25 11.60 -20.18 24.24
C SER D 25 10.75 -19.17 23.50
N GLY D 26 9.45 -19.38 23.50
CA GLY D 26 8.55 -18.37 22.96
C GLY D 26 8.22 -18.67 21.52
N TYR D 27 8.68 -19.79 20.99
CA TYR D 27 8.40 -20.07 19.58
C TYR D 27 8.62 -21.55 19.34
N THR D 28 8.11 -22.02 18.21
CA THR D 28 8.29 -23.42 17.84
C THR D 28 9.73 -23.60 17.38
N PHE D 29 10.48 -24.30 18.21
CA PHE D 29 11.94 -24.39 18.05
C PHE D 29 12.32 -24.97 16.71
N ALA D 30 11.58 -25.97 16.27
CA ALA D 30 11.99 -26.69 15.06
C ALA D 30 11.61 -25.92 13.81
N SER D 31 10.86 -24.85 13.98
CA SER D 31 10.34 -24.12 12.83
C SER D 31 11.39 -23.19 12.24
N TYR D 32 12.57 -23.02 12.85
CA TYR D 32 13.49 -22.01 12.33
C TYR D 32 14.91 -22.54 12.49
N TRP D 33 15.82 -22.14 11.61
CA TRP D 33 17.21 -22.62 11.68
C TRP D 33 17.93 -21.82 12.76
N MET D 34 19.04 -22.32 13.28
CA MET D 34 19.73 -21.62 14.36
C MET D 34 21.12 -21.27 13.87
N GLN D 35 21.57 -20.06 14.14
CA GLN D 35 22.85 -19.60 13.59
C GLN D 35 23.76 -19.34 14.77
N TRP D 36 25.07 -19.35 14.51
CA TRP D 36 26.05 -19.10 15.55
C TRP D 36 27.04 -18.08 15.00
N VAL D 37 27.28 -17.01 15.74
CA VAL D 37 28.18 -15.97 15.27
C VAL D 37 29.25 -15.69 16.32
N LYS D 38 30.44 -15.32 15.86
CA LYS D 38 31.55 -15.04 16.75
C LYS D 38 31.93 -13.56 16.64
N GLN D 39 32.17 -12.92 17.78
CA GLN D 39 32.54 -11.51 17.77
C GLN D 39 33.78 -11.25 18.63
N ARG D 40 34.83 -10.79 17.98
CA ARG D 40 36.06 -10.44 18.67
C ARG D 40 36.14 -8.92 18.64
N PRO D 41 36.51 -8.28 19.75
CA PRO D 41 36.58 -6.83 19.83
C PRO D 41 37.47 -6.22 18.75
N GLY D 42 36.90 -5.31 17.97
CA GLY D 42 37.67 -4.67 16.93
C GLY D 42 37.57 -5.41 15.60
N GLN D 43 37.47 -6.74 15.66
CA GLN D 43 37.41 -7.53 14.44
C GLN D 43 36.02 -7.44 13.85
N GLY D 44 34.99 -7.56 14.69
CA GLY D 44 33.64 -7.47 14.17
C GLY D 44 32.92 -8.81 14.32
N LEU D 45 31.94 -9.07 13.46
CA LEU D 45 31.17 -10.30 13.56
C LEU D 45 31.60 -11.33 12.51
N GLU D 46 31.50 -12.61 12.86
CA GLU D 46 31.92 -13.68 11.95
C GLU D 46 30.90 -14.82 12.07
N TRP D 47 30.44 -15.36 10.94
CA TRP D 47 29.45 -16.44 10.96
C TRP D 47 30.13 -17.81 11.04
N ILE D 48 29.69 -18.63 11.99
CA ILE D 48 30.30 -19.95 12.20
C ILE D 48 29.57 -21.04 11.43
N GLY D 49 28.25 -21.09 11.51
CA GLY D 49 27.53 -22.14 10.80
C GLY D 49 26.08 -22.12 11.24
N ALA D 50 25.25 -22.97 10.68
CA ALA D 50 23.86 -23.04 11.12
C ALA D 50 23.41 -24.49 11.11
N ILE D 51 22.24 -24.72 11.70
CA ILE D 51 21.72 -26.09 11.81
C ILE D 51 20.21 -25.99 11.78
N TYR D 52 19.56 -26.90 11.08
CA TYR D 52 18.11 -26.96 11.12
C TYR D 52 17.83 -27.93 12.25
N PRO D 53 17.00 -27.55 13.21
CA PRO D 53 16.75 -28.39 14.38
C PRO D 53 15.83 -29.56 14.07
N GLY D 54 15.11 -29.49 12.96
CA GLY D 54 14.11 -30.50 12.67
C GLY D 54 14.82 -31.78 12.25
N ASP D 55 15.94 -31.67 11.55
CA ASP D 55 16.56 -32.91 11.09
C ASP D 55 18.04 -32.90 11.39
N GLY D 56 18.52 -31.80 11.95
CA GLY D 56 19.90 -31.79 12.42
C GLY D 56 20.87 -31.47 11.30
N ASP D 57 20.38 -30.91 10.22
CA ASP D 57 21.25 -30.71 9.06
C ASP D 57 22.11 -29.49 9.34
N THR D 58 23.41 -29.59 9.12
CA THR D 58 24.30 -28.48 9.47
C THR D 58 24.95 -27.93 8.22
N TRP D 59 25.43 -26.70 8.32
CA TRP D 59 26.17 -26.09 7.21
C TRP D 59 27.21 -25.27 7.94
N TYR D 60 28.47 -25.39 7.54
CA TYR D 60 29.54 -24.70 8.28
C TYR D 60 30.29 -23.70 7.39
N THR D 61 30.98 -22.77 8.06
CA THR D 61 31.82 -21.82 7.35
C THR D 61 33.09 -22.62 7.21
N GLN D 62 33.61 -22.77 6.00
CA GLN D 62 34.84 -23.55 5.77
C GLN D 62 35.92 -23.29 6.82
N LYS D 63 36.08 -22.02 7.18
CA LYS D 63 37.03 -21.62 8.19
C LYS D 63 36.88 -22.31 9.55
N PHE D 64 35.69 -22.75 9.89
CA PHE D 64 35.46 -23.36 11.18
C PHE D 64 35.17 -24.85 11.08
N LYS D 65 35.25 -25.42 9.88
CA LYS D 65 34.99 -26.85 9.72
C LYS D 65 36.09 -27.64 10.43
N GLY D 66 35.73 -28.29 11.53
CA GLY D 66 36.72 -29.07 12.24
C GLY D 66 37.07 -28.38 13.54
N LYS D 67 36.43 -27.26 13.81
CA LYS D 67 36.71 -26.53 15.03
C LYS D 67 35.40 -26.45 15.80
N ALA D 68 34.30 -26.38 15.06
CA ALA D 68 33.00 -26.26 15.72
C ALA D 68 32.05 -27.36 15.29
N THR D 69 31.29 -27.91 16.26
CA THR D 69 30.32 -28.97 15.96
C THR D 69 28.98 -28.47 16.51
N LEU D 70 27.92 -28.50 15.70
CA LEU D 70 26.62 -27.99 16.12
C LEU D 70 25.64 -29.16 16.30
N THR D 71 24.86 -29.11 17.39
CA THR D 71 23.86 -30.14 17.64
C THR D 71 22.68 -29.44 18.30
N ALA D 72 21.58 -30.16 18.48
CA ALA D 72 20.48 -29.57 19.23
C ALA D 72 19.65 -30.64 19.90
N ASP D 73 18.80 -30.22 20.82
CA ASP D 73 18.02 -31.16 21.59
C ASP D 73 16.60 -30.66 21.46
N LYS D 74 15.88 -31.20 20.49
CA LYS D 74 14.51 -30.79 20.25
C LYS D 74 13.59 -31.11 21.42
N SER D 75 14.05 -31.94 22.35
CA SER D 75 13.24 -32.25 23.51
C SER D 75 13.27 -31.08 24.49
N SER D 76 14.44 -30.46 24.69
CA SER D 76 14.53 -29.37 25.67
C SER D 76 14.62 -28.01 24.99
N SER D 77 14.56 -27.97 23.67
CA SER D 77 14.60 -26.71 22.94
C SER D 77 15.95 -26.02 23.09
N THR D 78 17.03 -26.81 23.12
CA THR D 78 18.35 -26.21 23.32
C THR D 78 19.21 -26.51 22.08
N ALA D 79 20.05 -25.55 21.70
CA ALA D 79 20.96 -25.77 20.58
C ALA D 79 22.36 -25.73 21.18
N TYR D 80 23.31 -26.42 20.57
CA TYR D 80 24.64 -26.50 21.16
C TYR D 80 25.74 -26.30 20.11
N MET D 81 26.90 -25.87 20.60
CA MET D 81 28.06 -25.71 19.72
C MET D 81 29.27 -26.09 20.55
N GLN D 82 30.06 -27.03 20.05
CA GLN D 82 31.27 -27.42 20.76
C GLN D 82 32.42 -26.78 20.00
N LEU D 83 33.39 -26.24 20.73
CA LEU D 83 34.56 -25.66 20.09
C LEU D 83 35.72 -26.49 20.62
N SER D 84 36.57 -27.00 19.73
CA SER D 84 37.63 -27.90 20.17
C SER D 84 39.03 -27.31 19.98
N SER D 85 39.97 -27.82 20.79
CA SER D 85 41.36 -27.39 20.71
C SER D 85 41.50 -25.87 20.75
N LEU D 86 40.91 -25.24 21.74
CA LEU D 86 40.89 -23.78 21.78
C LEU D 86 42.26 -23.13 21.96
N ALA D 87 42.42 -21.95 21.39
CA ALA D 87 43.64 -21.20 21.57
C ALA D 87 43.27 -19.77 21.82
N SER D 88 44.25 -18.92 22.15
CA SER D 88 43.97 -17.55 22.56
C SER D 88 43.11 -16.83 21.53
N GLU D 89 43.33 -17.14 20.25
CA GLU D 89 42.57 -16.51 19.17
C GLU D 89 41.09 -16.88 19.22
N ASP D 90 40.71 -17.89 19.99
CA ASP D 90 39.32 -18.28 20.09
C ASP D 90 38.59 -17.50 21.16
N SER D 91 39.28 -16.67 21.93
CA SER D 91 38.61 -15.88 22.96
C SER D 91 37.66 -14.89 22.29
N ALA D 92 36.40 -14.86 22.73
CA ALA D 92 35.45 -13.94 22.12
C ALA D 92 34.06 -14.09 22.73
N VAL D 93 33.10 -13.37 22.16
CA VAL D 93 31.71 -13.47 22.59
C VAL D 93 31.01 -14.28 21.50
N TYR D 94 30.27 -15.31 21.90
CA TYR D 94 29.63 -16.17 20.90
C TYR D 94 28.11 -16.05 20.97
N TYR D 95 27.47 -15.74 19.84
CA TYR D 95 26.02 -15.55 19.81
C TYR D 95 25.32 -16.66 19.04
N CYS D 96 24.12 -17.02 19.49
CA CYS D 96 23.28 -17.92 18.71
C CYS D 96 22.21 -16.96 18.21
N ALA D 97 21.85 -16.95 16.91
CA ALA D 97 20.79 -16.05 16.45
C ALA D 97 19.81 -16.70 15.47
N ARG D 98 18.58 -16.21 15.44
CA ARG D 98 17.54 -16.80 14.59
C ARG D 98 17.34 -16.01 13.30
N PRO D 99 17.00 -16.71 12.23
CA PRO D 99 16.83 -16.06 10.93
C PRO D 99 15.46 -16.32 10.31
N PRO D 100 14.83 -15.24 9.90
CA PRO D 100 13.63 -15.32 9.09
C PRO D 100 14.10 -15.00 7.67
N TYR D 101 13.27 -15.27 6.67
CA TYR D 101 13.80 -15.24 5.30
C TYR D 101 12.65 -15.05 4.36
N TYR D 102 11.46 -14.87 4.92
CA TYR D 102 10.28 -14.70 4.08
C TYR D 102 10.42 -13.37 3.35
N TYR D 103 9.43 -13.02 2.55
CA TYR D 103 9.46 -11.78 1.79
C TYR D 103 10.04 -12.05 0.42
N GLY D 104 10.99 -12.94 0.32
CA GLY D 104 11.50 -13.27 -1.00
C GLY D 104 12.93 -12.82 -0.99
N THR D 105 13.35 -12.32 0.16
CA THR D 105 14.73 -11.87 0.26
C THR D 105 15.41 -12.38 1.53
N THR D 106 16.39 -11.64 2.04
CA THR D 106 17.38 -12.19 2.94
C THR D 106 16.97 -12.88 4.21
N TYR D 107 17.79 -13.83 4.61
CA TYR D 107 17.74 -14.43 5.96
C TYR D 107 18.15 -13.46 7.06
N TYR D 108 17.32 -12.49 7.35
CA TYR D 108 17.73 -11.32 8.10
C TYR D 108 17.59 -11.64 9.57
N PHE D 109 18.63 -11.64 10.35
CA PHE D 109 18.49 -12.14 11.71
C PHE D 109 17.64 -11.22 12.53
N ASP D 110 16.76 -11.81 13.28
CA ASP D 110 15.71 -11.02 13.87
C ASP D 110 15.78 -11.18 15.37
N TYR D 111 16.51 -12.16 15.84
CA TYR D 111 16.52 -12.39 17.30
C TYR D 111 17.90 -12.92 17.68
N TRP D 112 18.54 -12.32 18.67
CA TRP D 112 19.90 -12.73 19.04
C TRP D 112 19.95 -13.12 20.51
N GLY D 113 20.87 -14.02 20.86
CA GLY D 113 20.97 -14.44 22.25
C GLY D 113 21.77 -13.42 23.02
N GLN D 114 21.82 -13.60 24.35
CA GLN D 114 22.51 -12.64 25.20
C GLN D 114 24.02 -12.74 25.04
N GLY D 115 24.51 -13.81 24.45
CA GLY D 115 25.95 -13.91 24.18
C GLY D 115 26.72 -14.55 25.32
N THR D 116 27.79 -15.27 24.99
CA THR D 116 28.59 -15.93 26.02
C THR D 116 30.06 -15.50 25.86
N THR D 117 30.63 -14.94 26.93
CA THR D 117 32.03 -14.51 26.86
C THR D 117 32.93 -15.70 27.16
N LEU D 118 33.69 -16.13 26.17
CA LEU D 118 34.61 -17.26 26.38
C LEU D 118 36.03 -16.74 26.41
N THR D 119 36.77 -17.17 27.43
CA THR D 119 38.15 -16.73 27.59
C THR D 119 39.08 -17.95 27.64
N VAL D 120 40.09 -17.98 26.78
CA VAL D 120 41.05 -19.07 26.79
C VAL D 120 42.30 -18.60 27.53
N SER D 121 42.65 -19.27 28.63
CA SER D 121 43.80 -18.85 29.42
C SER D 121 44.13 -19.93 30.46
N ASP E 1 -4.71 -16.44 26.95
CA ASP E 1 -5.52 -15.28 26.60
C ASP E 1 -4.60 -14.13 26.23
N ILE E 2 -5.02 -13.28 25.32
CA ILE E 2 -4.16 -12.15 24.96
C ILE E 2 -4.32 -11.02 25.97
N VAL E 3 -3.20 -10.54 26.52
CA VAL E 3 -3.30 -9.47 27.51
C VAL E 3 -3.12 -8.12 26.81
N MET E 4 -4.02 -7.16 27.08
CA MET E 4 -3.92 -5.85 26.44
C MET E 4 -3.52 -4.82 27.50
N THR E 5 -2.55 -3.96 27.20
CA THR E 5 -2.10 -2.98 28.19
C THR E 5 -2.28 -1.62 27.55
N GLN E 6 -2.68 -0.61 28.31
CA GLN E 6 -2.82 0.71 27.70
C GLN E 6 -2.02 1.71 28.51
N SER E 7 -1.61 2.80 27.87
CA SER E 7 -0.87 3.86 28.55
C SER E 7 -1.17 5.17 27.85
N PRO E 8 -1.20 6.28 28.59
CA PRO E 8 -1.01 6.27 30.04
C PRO E 8 -2.34 5.94 30.70
N SER E 9 -2.41 5.80 32.02
CA SER E 9 -3.71 5.50 32.64
C SER E 9 -4.63 6.72 32.55
N SER E 10 -4.09 7.94 32.59
CA SER E 10 -4.96 9.09 32.36
C SER E 10 -4.11 10.22 31.82
N LEU E 11 -4.77 11.18 31.19
CA LEU E 11 -4.05 12.29 30.58
C LEU E 11 -4.96 13.50 30.74
N ALA E 12 -4.39 14.70 30.97
CA ALA E 12 -5.24 15.89 31.07
C ALA E 12 -4.71 16.91 30.07
N MET E 13 -5.59 17.43 29.23
CA MET E 13 -5.11 18.28 28.15
C MET E 13 -6.13 19.39 27.88
N SER E 14 -5.68 20.52 27.36
CA SER E 14 -6.63 21.60 27.10
C SER E 14 -7.15 21.47 25.66
N VAL E 15 -8.30 22.08 25.37
CA VAL E 15 -8.88 21.99 24.03
C VAL E 15 -7.89 22.46 22.98
N GLY E 16 -7.75 21.70 21.90
CA GLY E 16 -6.90 22.12 20.80
C GLY E 16 -5.58 21.36 20.81
N GLN E 17 -5.25 20.68 21.90
CA GLN E 17 -3.95 20.01 21.95
C GLN E 17 -4.02 18.64 21.31
N LYS E 18 -2.88 18.08 20.98
CA LYS E 18 -2.86 16.76 20.35
C LYS E 18 -2.70 15.74 21.45
N VAL E 19 -3.42 14.62 21.40
CA VAL E 19 -3.11 13.55 22.33
C VAL E 19 -2.78 12.27 21.64
N THR E 20 -1.88 11.54 22.29
CA THR E 20 -1.44 10.25 21.79
C THR E 20 -1.66 9.24 22.93
N MET E 21 -2.26 8.08 22.66
CA MET E 21 -2.35 7.08 23.72
C MET E 21 -2.08 5.75 23.05
N SER E 22 -1.50 4.82 23.80
CA SER E 22 -1.04 3.57 23.21
C SER E 22 -1.73 2.36 23.83
N CYS E 23 -1.68 1.26 23.07
CA CYS E 23 -2.28 0.01 23.50
C CYS E 23 -1.29 -1.04 23.00
N LYS E 24 -0.64 -1.82 23.84
CA LYS E 24 0.16 -2.91 23.29
C LYS E 24 -0.57 -4.17 23.70
N SER E 25 -0.30 -5.28 23.04
CA SER E 25 -0.90 -6.52 23.49
C SER E 25 0.27 -7.46 23.65
N SER E 26 0.03 -8.61 24.23
CA SER E 26 1.14 -9.46 24.60
C SER E 26 1.23 -10.51 23.50
N GLN E 27 0.22 -10.54 22.65
CA GLN E 27 0.29 -11.44 21.50
C GLN E 27 -0.27 -10.69 20.32
N SER E 28 0.22 -11.09 19.16
CA SER E 28 -0.12 -10.43 17.90
C SER E 28 -1.59 -10.61 17.58
N LEU E 29 -2.14 -9.63 16.89
CA LEU E 29 -3.57 -9.62 16.69
C LEU E 29 -3.72 -9.61 15.18
N LEU E 30 -2.60 -9.82 14.55
CA LEU E 30 -2.54 -9.78 13.09
C LEU E 30 -2.67 -11.20 12.59
N ASP E 31 -3.46 -11.42 11.55
CA ASP E 31 -3.53 -12.78 11.02
C ASP E 31 -2.31 -12.98 10.16
N SER E 32 -2.13 -14.21 9.71
CA SER E 32 -0.97 -14.49 8.86
C SER E 32 -1.57 -14.74 7.50
N ARG E 33 -2.75 -14.21 7.28
CA ARG E 33 -3.58 -14.78 6.23
C ARG E 33 -4.31 -13.67 5.49
N ASN E 34 -4.80 -12.67 6.22
CA ASN E 34 -5.60 -11.68 5.52
C ASN E 34 -4.85 -10.39 5.76
N GLN E 35 -4.03 -10.46 6.79
CA GLN E 35 -3.13 -9.36 7.12
C GLN E 35 -3.95 -8.19 7.59
N LYS E 36 -4.51 -8.31 8.78
CA LYS E 36 -5.33 -7.21 9.28
C LYS E 36 -5.21 -7.47 10.78
N ASN E 37 -5.29 -6.44 11.60
CA ASN E 37 -5.15 -6.62 13.05
C ASN E 37 -6.49 -6.40 13.69
N TYR E 38 -6.75 -7.28 14.63
CA TYR E 38 -8.09 -7.41 15.14
C TYR E 38 -8.06 -6.65 16.44
N LEU E 39 -8.10 -5.34 16.37
CA LEU E 39 -7.98 -4.55 17.59
C LEU E 39 -9.00 -3.43 17.49
N ALA E 40 -9.90 -3.18 18.38
CA ALA E 40 -10.72 -2.00 18.11
C ALA E 40 -10.50 -0.98 19.20
N TRP E 41 -10.96 0.23 18.93
CA TRP E 41 -10.93 1.26 19.96
C TRP E 41 -12.37 1.67 20.27
N TYR E 42 -12.68 1.80 21.56
CA TYR E 42 -13.99 2.25 22.00
C TYR E 42 -13.81 3.52 22.83
N GLN E 43 -14.83 4.38 22.79
CA GLN E 43 -14.83 5.60 23.59
C GLN E 43 -16.02 5.51 24.55
N GLN E 44 -15.81 5.79 25.83
CA GLN E 44 -16.93 5.75 26.78
C GLN E 44 -16.99 7.12 27.45
N LYS E 45 -17.94 7.95 27.03
CA LYS E 45 -18.12 9.25 27.68
C LYS E 45 -18.80 9.05 29.03
N PRO E 46 -18.63 9.96 29.98
CA PRO E 46 -19.18 9.85 31.32
C PRO E 46 -20.67 9.59 31.25
N GLY E 47 -21.10 8.52 31.93
CA GLY E 47 -22.52 8.24 32.06
C GLY E 47 -23.11 7.52 30.85
N GLN E 48 -22.26 7.02 29.97
CA GLN E 48 -22.78 6.41 28.75
C GLN E 48 -22.08 5.07 28.61
N SER E 49 -22.57 4.26 27.69
CA SER E 49 -21.92 2.98 27.43
C SER E 49 -20.78 3.24 26.42
N PRO E 50 -19.85 2.31 26.26
CA PRO E 50 -18.78 2.44 25.28
C PRO E 50 -19.37 2.49 23.88
N LYS E 51 -18.68 3.16 22.97
CA LYS E 51 -19.15 3.26 21.60
C LYS E 51 -17.96 2.93 20.71
N LEU E 52 -18.18 2.19 19.62
CA LEU E 52 -17.08 1.76 18.77
C LEU E 52 -16.53 2.97 18.02
N LEU E 53 -15.24 3.26 18.14
CA LEU E 53 -14.66 4.36 17.36
C LEU E 53 -13.98 3.81 16.14
N VAL E 54 -13.08 2.85 16.37
CA VAL E 54 -12.24 2.35 15.28
C VAL E 54 -12.17 0.82 15.30
N TYR E 55 -12.09 0.19 14.13
CA TYR E 55 -11.93 -1.25 14.06
C TYR E 55 -10.99 -1.58 12.92
N PHE E 56 -10.61 -2.85 12.88
CA PHE E 56 -9.41 -3.27 12.18
C PHE E 56 -8.41 -2.54 13.02
N ALA E 57 -7.30 -2.01 12.60
CA ALA E 57 -6.56 -1.33 13.63
C ALA E 57 -6.84 0.11 13.30
N SER E 58 -7.44 0.29 12.13
CA SER E 58 -7.43 1.63 11.55
C SER E 58 -8.72 2.16 10.90
N THR E 59 -9.77 1.40 10.74
CA THR E 59 -10.97 1.94 10.10
C THR E 59 -11.77 2.72 11.13
N ARG E 60 -12.03 3.97 10.83
CA ARG E 60 -12.80 4.82 11.73
C ARG E 60 -14.25 4.54 11.38
N GLU E 61 -15.10 4.47 12.39
CA GLU E 61 -16.47 4.08 12.17
C GLU E 61 -17.18 5.34 11.75
N SER E 62 -18.16 5.18 10.89
CA SER E 62 -18.98 6.29 10.42
C SER E 62 -19.65 7.02 11.60
N GLY E 63 -19.69 8.37 11.49
CA GLY E 63 -20.01 9.23 12.62
C GLY E 63 -18.77 9.72 13.35
N VAL E 64 -17.65 9.00 13.30
CA VAL E 64 -16.50 9.37 14.12
C VAL E 64 -15.69 10.44 13.39
N PRO E 65 -15.40 11.56 14.04
CA PRO E 65 -14.64 12.65 13.42
C PRO E 65 -13.27 12.17 12.98
N ASP E 66 -12.73 12.82 11.95
CA ASP E 66 -11.43 12.41 11.48
C ASP E 66 -10.30 13.00 12.32
N ARG E 67 -10.62 13.72 13.40
CA ARG E 67 -9.60 14.05 14.38
C ARG E 67 -9.11 12.80 15.10
N PHE E 68 -9.88 11.71 15.12
CA PHE E 68 -9.41 10.48 15.73
C PHE E 68 -8.73 9.63 14.67
N ILE E 69 -7.51 9.17 14.93
CA ILE E 69 -6.84 8.26 13.99
C ILE E 69 -6.24 7.09 14.74
N GLY E 70 -6.61 5.89 14.32
CA GLY E 70 -6.00 4.70 14.91
C GLY E 70 -4.81 4.27 14.04
N SER E 71 -3.71 3.84 14.64
CA SER E 71 -2.57 3.44 13.82
C SER E 71 -1.80 2.32 14.54
N GLY E 72 -0.75 1.81 13.91
CA GLY E 72 0.06 0.77 14.56
C GLY E 72 -0.22 -0.60 13.97
N SER E 73 0.50 -1.63 14.43
CA SER E 73 0.34 -2.96 13.84
C SER E 73 0.96 -3.99 14.77
N GLY E 74 0.54 -5.25 14.66
CA GLY E 74 1.21 -6.30 15.42
C GLY E 74 0.88 -6.21 16.90
N THR E 75 1.82 -5.73 17.72
CA THR E 75 1.57 -5.70 19.15
C THR E 75 1.48 -4.26 19.63
N ASP E 76 1.72 -3.26 18.79
CA ASP E 76 1.75 -1.90 19.31
C ASP E 76 0.86 -0.95 18.51
N PHE E 77 -0.15 -0.42 19.20
CA PHE E 77 -1.17 0.40 18.55
C PHE E 77 -1.25 1.78 19.21
N THR E 78 -1.73 2.75 18.43
CA THR E 78 -1.84 4.13 18.90
C THR E 78 -3.19 4.71 18.50
N LEU E 79 -3.81 5.43 19.41
CA LEU E 79 -4.96 6.26 19.06
C LEU E 79 -4.48 7.69 19.23
N THR E 80 -4.61 8.49 18.17
CA THR E 80 -4.22 9.90 18.25
C THR E 80 -5.49 10.75 18.06
N ILE E 81 -5.58 11.83 18.85
CA ILE E 81 -6.61 12.83 18.63
C ILE E 81 -5.84 14.07 18.21
N SER E 82 -6.06 14.54 17.00
CA SER E 82 -5.18 15.58 16.45
C SER E 82 -5.33 16.90 17.17
N SER E 83 -6.57 17.27 17.48
CA SER E 83 -6.82 18.50 18.22
C SER E 83 -8.00 18.15 19.12
N VAL E 84 -7.77 18.00 20.40
CA VAL E 84 -8.82 17.50 21.26
C VAL E 84 -9.93 18.53 21.53
N GLN E 85 -11.17 18.05 21.53
CA GLN E 85 -12.29 18.93 21.89
C GLN E 85 -12.89 18.50 23.22
N ALA E 86 -13.65 19.42 23.84
CA ALA E 86 -14.26 19.16 25.14
C ALA E 86 -15.13 17.91 25.14
N GLU E 87 -15.81 17.67 24.04
CA GLU E 87 -16.65 16.48 23.96
C GLU E 87 -15.87 15.19 23.86
N ASP E 88 -14.56 15.21 23.69
CA ASP E 88 -13.80 13.98 23.65
C ASP E 88 -13.50 13.46 25.05
N LEU E 89 -13.92 14.18 26.09
CA LEU E 89 -13.75 13.73 27.48
C LEU E 89 -14.31 12.31 27.61
N ALA E 90 -13.50 11.34 28.02
CA ALA E 90 -13.96 9.95 27.95
C ALA E 90 -12.86 9.03 28.44
N ASP E 91 -13.19 7.77 28.67
CA ASP E 91 -12.16 6.75 28.80
C ASP E 91 -12.07 6.03 27.46
N TYR E 92 -10.87 5.82 26.95
CA TYR E 92 -10.69 5.13 25.67
C TYR E 92 -10.15 3.72 25.93
N PHE E 93 -10.81 2.70 25.38
CA PHE E 93 -10.38 1.32 25.61
C PHE E 93 -9.98 0.67 24.28
N CYS E 94 -8.93 -0.13 24.27
CA CYS E 94 -8.66 -0.91 23.06
C CYS E 94 -9.10 -2.34 23.35
N GLN E 95 -9.25 -3.12 22.30
CA GLN E 95 -9.81 -4.43 22.51
C GLN E 95 -9.28 -5.40 21.47
N GLN E 96 -8.96 -6.60 21.89
CA GLN E 96 -8.63 -7.63 20.93
C GLN E 96 -9.93 -8.25 20.47
N HIS E 97 -10.14 -8.37 19.19
CA HIS E 97 -11.31 -9.15 18.82
C HIS E 97 -10.85 -10.12 17.81
N TYR E 98 -9.71 -10.62 18.16
CA TYR E 98 -9.07 -11.63 17.33
C TYR E 98 -9.71 -12.94 17.72
N SER E 99 -9.67 -13.27 19.00
CA SER E 99 -10.15 -14.59 19.38
C SER E 99 -10.51 -14.54 20.84
N THR E 100 -11.26 -15.56 21.21
CA THR E 100 -11.90 -15.63 22.51
C THR E 100 -10.89 -16.16 23.52
N PRO E 101 -10.71 -15.56 24.69
CA PRO E 101 -11.43 -14.37 25.10
C PRO E 101 -11.26 -13.11 24.32
N LEU E 102 -12.32 -12.40 23.96
CA LEU E 102 -12.09 -11.03 23.55
C LEU E 102 -11.72 -10.38 24.87
N THR E 103 -10.77 -9.51 24.85
CA THR E 103 -10.32 -8.92 26.08
C THR E 103 -10.06 -7.50 25.66
N PHE E 104 -9.98 -6.72 26.71
CA PHE E 104 -9.86 -5.29 26.60
C PHE E 104 -8.66 -4.81 27.43
N GLY E 105 -8.13 -3.66 27.04
CA GLY E 105 -7.14 -2.99 27.87
C GLY E 105 -7.86 -2.27 29.01
N ALA E 106 -7.09 -1.64 29.90
CA ALA E 106 -7.64 -1.09 31.13
C ALA E 106 -8.15 0.34 30.90
N GLY E 107 -7.86 0.94 29.74
CA GLY E 107 -8.40 2.27 29.47
C GLY E 107 -7.43 3.44 29.71
N THR E 108 -7.58 4.47 28.88
CA THR E 108 -6.86 5.73 29.11
C THR E 108 -7.97 6.76 29.36
N LYS E 109 -7.98 7.36 30.54
CA LYS E 109 -9.01 8.35 30.84
C LYS E 109 -8.55 9.71 30.35
N LEU E 110 -9.30 10.34 29.46
CA LEU E 110 -8.89 11.63 28.94
C LEU E 110 -9.64 12.70 29.72
N GLU E 111 -8.92 13.61 30.39
CA GLU E 111 -9.56 14.70 31.13
C GLU E 111 -9.27 16.04 30.44
N LEU E 112 -10.12 17.02 30.70
CA LEU E 112 -10.11 18.27 29.97
C LEU E 112 -9.67 19.42 30.89
N LYS E 113 -8.59 20.14 30.56
CA LYS E 113 -8.24 21.34 31.30
C LYS E 113 -8.96 22.52 30.67
N ARG E 114 -9.42 23.46 31.48
CA ARG E 114 -10.15 24.62 30.96
C ARG E 114 -9.96 25.81 31.90
N ALA E 115 -10.54 26.94 31.55
CA ALA E 115 -10.40 28.15 32.36
C ALA E 115 -11.10 28.05 33.71
N GLU F 1 -34.23 0.41 12.88
CA GLU F 1 -33.29 0.91 13.90
C GLU F 1 -32.80 -0.26 14.75
N VAL F 2 -31.52 -0.57 14.64
CA VAL F 2 -30.94 -1.68 15.42
C VAL F 2 -30.95 -1.37 16.91
N LYS F 3 -31.48 -2.29 17.72
CA LYS F 3 -31.60 -2.02 19.14
C LYS F 3 -31.42 -3.25 20.03
N LEU F 4 -30.73 -3.05 21.16
CA LEU F 4 -30.57 -4.13 22.14
C LEU F 4 -31.02 -3.55 23.47
N GLU F 5 -32.15 -4.02 23.99
CA GLU F 5 -32.71 -3.46 25.20
C GLU F 5 -32.55 -4.32 26.40
N GLN F 6 -32.03 -3.90 27.48
CA GLN F 6 -31.94 -4.62 28.70
C GLN F 6 -32.74 -4.06 29.90
N SER F 7 -33.19 -4.63 30.96
CA SER F 7 -33.72 -3.81 32.12
C SER F 7 -32.79 -3.16 33.18
N GLY F 8 -33.26 -1.87 33.45
CA GLY F 8 -32.34 -0.97 34.11
C GLY F 8 -31.61 -1.55 35.31
N ALA F 9 -32.24 -2.33 36.20
CA ALA F 9 -31.50 -2.87 37.32
C ALA F 9 -32.05 -4.16 37.91
N GLU F 10 -31.21 -4.78 38.75
CA GLU F 10 -31.58 -5.99 39.45
C GLU F 10 -30.92 -5.92 40.82
N LEU F 11 -31.70 -6.14 41.87
CA LEU F 11 -31.15 -6.15 43.23
C LEU F 11 -31.23 -7.60 43.66
N ALA F 12 -30.10 -8.18 44.01
CA ALA F 12 -30.14 -9.56 44.45
C ALA F 12 -29.40 -9.84 45.75
N ARG F 13 -29.85 -10.90 46.43
CA ARG F 13 -29.29 -11.23 47.74
C ARG F 13 -28.01 -12.01 47.50
N PRO F 14 -26.99 -11.89 48.36
CA PRO F 14 -25.75 -12.62 48.17
C PRO F 14 -26.08 -14.11 48.21
N GLY F 15 -25.39 -14.88 47.38
CA GLY F 15 -25.62 -16.31 47.39
C GLY F 15 -26.75 -16.71 46.45
N ALA F 16 -27.47 -15.74 45.88
CA ALA F 16 -28.59 -16.06 45.00
C ALA F 16 -28.15 -15.94 43.56
N SER F 17 -29.10 -15.80 42.62
CA SER F 17 -28.72 -15.72 41.22
C SER F 17 -29.73 -14.90 40.40
N VAL F 18 -29.37 -14.55 39.16
CA VAL F 18 -30.30 -13.80 38.31
C VAL F 18 -30.19 -14.16 36.85
N LYS F 19 -31.26 -13.86 36.11
CA LYS F 19 -31.27 -14.11 34.69
C LYS F 19 -31.44 -12.77 34.01
N LEU F 20 -30.37 -12.28 33.41
CA LEU F 20 -30.42 -10.99 32.73
C LEU F 20 -30.94 -11.23 31.31
N SER F 21 -31.79 -10.31 30.84
CA SER F 21 -32.35 -10.47 29.50
C SER F 21 -31.85 -9.35 28.60
N CYS F 22 -31.90 -9.59 27.29
CA CYS F 22 -31.41 -8.61 26.32
C CYS F 22 -32.22 -8.83 25.04
N LYS F 23 -33.20 -7.98 24.79
CA LYS F 23 -34.05 -8.13 23.62
C LYS F 23 -33.50 -7.40 22.39
N ALA F 24 -33.38 -8.12 21.28
CA ALA F 24 -32.87 -7.54 20.05
C ALA F 24 -34.00 -7.16 19.10
N SER F 25 -33.70 -6.26 18.17
CA SER F 25 -34.70 -5.81 17.22
C SER F 25 -33.98 -5.08 16.10
N GLY F 26 -34.54 -5.09 14.92
CA GLY F 26 -33.99 -4.28 13.86
C GLY F 26 -33.05 -5.08 13.00
N TYR F 27 -32.91 -6.37 13.27
CA TYR F 27 -31.95 -7.15 12.48
C TYR F 27 -32.30 -8.62 12.63
N THR F 28 -31.74 -9.43 11.74
CA THR F 28 -31.96 -10.88 11.82
C THR F 28 -31.14 -11.41 12.97
N PHE F 29 -31.84 -11.81 14.02
CA PHE F 29 -31.23 -12.15 15.29
C PHE F 29 -30.21 -13.27 15.14
N ALA F 30 -30.54 -14.26 14.33
CA ALA F 30 -29.69 -15.45 14.27
C ALA F 30 -28.46 -15.20 13.41
N SER F 31 -28.43 -14.06 12.75
CA SER F 31 -27.34 -13.79 11.81
C SER F 31 -26.08 -13.34 12.52
N TYR F 32 -26.09 -13.09 13.82
CA TYR F 32 -24.90 -12.50 14.44
C TYR F 32 -24.75 -13.10 15.84
N TRP F 33 -23.51 -13.22 16.32
CA TRP F 33 -23.27 -13.82 17.65
C TRP F 33 -23.57 -12.75 18.70
N MET F 34 -23.80 -13.15 19.93
CA MET F 34 -24.16 -12.17 20.97
C MET F 34 -23.10 -12.24 22.05
N GLN F 35 -22.65 -11.09 22.52
CA GLN F 35 -21.55 -11.06 23.48
C GLN F 35 -22.08 -10.48 24.77
N TRP F 36 -21.40 -10.77 25.86
CA TRP F 36 -21.81 -10.25 27.17
C TRP F 36 -20.55 -9.69 27.83
N VAL F 37 -20.63 -8.45 28.31
CA VAL F 37 -19.47 -7.81 28.92
C VAL F 37 -19.84 -7.28 30.30
N LYS F 38 -18.87 -7.29 31.21
CA LYS F 38 -19.08 -6.83 32.57
C LYS F 38 -18.23 -5.58 32.83
N GLN F 39 -18.82 -4.58 33.45
CA GLN F 39 -18.09 -3.35 33.74
C GLN F 39 -18.24 -2.93 35.21
N ARG F 40 -17.12 -2.91 35.92
CA ARG F 40 -17.10 -2.49 37.31
C ARG F 40 -16.42 -1.14 37.31
N PRO F 41 -16.93 -0.16 38.06
CA PRO F 41 -16.36 1.18 38.10
C PRO F 41 -14.89 1.17 38.48
N GLY F 42 -14.06 1.76 37.63
CA GLY F 42 -12.63 1.82 37.92
C GLY F 42 -11.89 0.63 37.33
N GLN F 43 -12.53 -0.53 37.32
CA GLN F 43 -11.88 -1.74 36.82
C GLN F 43 -11.86 -1.70 35.30
N GLY F 44 -12.97 -1.34 34.69
CA GLY F 44 -12.99 -1.29 33.23
C GLY F 44 -13.94 -2.33 32.68
N LEU F 45 -13.69 -2.79 31.45
CA LEU F 45 -14.58 -3.76 30.81
C LEU F 45 -13.98 -5.17 30.85
N GLU F 46 -14.84 -6.18 30.94
CA GLU F 46 -14.40 -7.56 31.00
C GLU F 46 -15.34 -8.43 30.16
N TRP F 47 -14.79 -9.30 29.32
CA TRP F 47 -15.63 -10.14 28.45
C TRP F 47 -16.03 -11.44 29.16
N ILE F 48 -17.33 -11.74 29.14
CA ILE F 48 -17.83 -12.93 29.83
C ILE F 48 -17.91 -14.13 28.89
N GLY F 49 -18.49 -13.97 27.71
CA GLY F 49 -18.59 -15.12 26.81
C GLY F 49 -19.48 -14.71 25.64
N ALA F 50 -19.67 -15.62 24.69
CA ALA F 50 -20.57 -15.31 23.58
C ALA F 50 -21.34 -16.56 23.21
N ILE F 51 -22.34 -16.39 22.37
CA ILE F 51 -23.20 -17.51 21.98
C ILE F 51 -23.68 -17.22 20.57
N TYR F 52 -23.72 -18.25 19.74
CA TYR F 52 -24.30 -18.10 18.41
C TYR F 52 -25.76 -18.47 18.61
N PRO F 53 -26.70 -17.64 18.21
CA PRO F 53 -28.12 -17.90 18.45
C PRO F 53 -28.69 -18.96 17.52
N GLY F 54 -27.99 -19.24 16.44
CA GLY F 54 -28.54 -20.15 15.45
C GLY F 54 -28.47 -21.56 15.97
N ASP F 55 -27.44 -21.90 16.74
CA ASP F 55 -27.35 -23.29 17.17
C ASP F 55 -27.07 -23.34 18.66
N GLY F 56 -26.90 -22.20 19.27
CA GLY F 56 -26.79 -22.19 20.73
C GLY F 56 -25.36 -22.48 21.18
N ASP F 57 -24.40 -22.33 20.29
CA ASP F 57 -23.05 -22.74 20.64
C ASP F 57 -22.45 -21.64 21.51
N THR F 58 -21.83 -21.98 22.61
CA THR F 58 -21.35 -20.95 23.53
C THR F 58 -19.83 -21.05 23.63
N TRP F 59 -19.22 -19.97 24.08
CA TRP F 59 -17.77 -19.95 24.31
C TRP F 59 -17.64 -19.05 25.52
N TYR F 60 -16.93 -19.50 26.54
CA TYR F 60 -16.85 -18.72 27.78
C TYR F 60 -15.43 -18.26 28.11
N THR F 61 -15.34 -17.24 28.96
CA THR F 61 -14.04 -16.79 29.43
C THR F 61 -13.80 -17.73 30.57
N GLN F 62 -12.67 -18.43 30.60
CA GLN F 62 -12.35 -19.39 31.66
C GLN F 62 -12.73 -18.88 33.05
N LYS F 63 -12.44 -17.59 33.29
CA LYS F 63 -12.76 -16.96 34.56
C LYS F 63 -14.24 -17.02 34.96
N PHE F 64 -15.14 -17.12 34.00
CA PHE F 64 -16.55 -17.12 34.32
C PHE F 64 -17.21 -18.48 34.06
N LYS F 65 -16.42 -19.49 33.69
CA LYS F 65 -16.98 -20.81 33.44
C LYS F 65 -17.50 -21.38 34.74
N GLY F 66 -18.83 -21.48 34.86
CA GLY F 66 -19.38 -22.04 36.08
C GLY F 66 -20.05 -20.94 36.88
N LYS F 67 -20.04 -19.72 36.35
CA LYS F 67 -20.64 -18.61 37.06
C LYS F 67 -21.71 -18.06 36.14
N ALA F 68 -21.47 -18.14 34.84
CA ALA F 68 -22.44 -17.59 33.89
C ALA F 68 -22.90 -18.66 32.88
N THR F 69 -24.20 -18.65 32.57
CA THR F 69 -24.76 -19.60 31.60
C THR F 69 -25.48 -18.75 30.55
N LEU F 70 -25.21 -18.95 29.28
CA LEU F 70 -25.83 -18.16 28.22
C LEU F 70 -26.82 -19.00 27.43
N THR F 71 -27.98 -18.43 27.13
CA THR F 71 -28.99 -19.12 26.33
C THR F 71 -29.67 -18.07 25.47
N ALA F 72 -30.51 -18.50 24.55
CA ALA F 72 -31.29 -17.52 23.80
C ALA F 72 -32.61 -18.10 23.34
N ASP F 73 -33.50 -17.24 22.90
CA ASP F 73 -34.81 -17.68 22.50
C ASP F 73 -35.00 -17.09 21.13
N LYS F 74 -34.69 -17.87 20.11
CA LYS F 74 -34.81 -17.42 18.73
C LYS F 74 -36.26 -17.12 18.35
N SER F 75 -37.21 -17.55 19.17
CA SER F 75 -38.60 -17.25 18.87
C SER F 75 -38.91 -15.80 19.24
N SER F 76 -38.39 -15.32 20.37
CA SER F 76 -38.71 -13.95 20.79
C SER F 76 -37.55 -13.01 20.56
N SER F 77 -36.45 -13.50 19.99
CA SER F 77 -35.30 -12.64 19.71
C SER F 77 -34.64 -12.14 20.99
N THR F 78 -34.61 -12.98 22.02
CA THR F 78 -34.04 -12.55 23.30
C THR F 78 -32.84 -13.43 23.62
N ALA F 79 -31.80 -12.84 24.22
CA ALA F 79 -30.64 -13.60 24.63
C ALA F 79 -30.61 -13.51 26.16
N TYR F 80 -30.05 -14.51 26.83
CA TYR F 80 -30.10 -14.51 28.29
C TYR F 80 -28.74 -14.90 28.89
N MET F 81 -28.54 -14.48 30.13
CA MET F 81 -27.33 -14.84 30.85
C MET F 81 -27.74 -15.01 32.31
N GLN F 82 -27.43 -16.17 32.87
CA GLN F 82 -27.75 -16.40 34.27
C GLN F 82 -26.43 -16.29 35.03
N LEU F 83 -26.46 -15.63 36.18
CA LEU F 83 -25.25 -15.50 36.99
C LEU F 83 -25.62 -16.21 38.29
N SER F 84 -24.79 -17.14 38.74
CA SER F 84 -25.15 -17.92 39.94
C SER F 84 -24.25 -17.65 41.13
N SER F 85 -24.79 -17.91 42.32
CA SER F 85 -24.03 -17.74 43.57
C SER F 85 -23.37 -16.36 43.65
N LEU F 86 -24.14 -15.31 43.47
CA LEU F 86 -23.58 -13.96 43.42
C LEU F 86 -22.96 -13.50 44.72
N ALA F 87 -21.92 -12.68 44.61
CA ALA F 87 -21.31 -12.10 45.78
C ALA F 87 -21.05 -10.64 45.49
N SER F 88 -20.62 -9.88 46.48
CA SER F 88 -20.48 -8.42 46.34
C SER F 88 -19.62 -8.07 45.13
N GLU F 89 -18.61 -8.90 44.84
CA GLU F 89 -17.73 -8.66 43.71
C GLU F 89 -18.46 -8.78 42.37
N ASP F 90 -19.66 -9.33 42.36
CA ASP F 90 -20.41 -9.47 41.12
C ASP F 90 -21.25 -8.22 40.84
N SER F 91 -21.27 -7.25 41.74
CA SER F 91 -22.03 -6.03 41.49
C SER F 91 -21.42 -5.29 40.33
N ALA F 92 -22.23 -4.91 39.33
CA ALA F 92 -21.68 -4.18 38.19
C ALA F 92 -22.75 -3.91 37.15
N VAL F 93 -22.31 -3.35 36.01
CA VAL F 93 -23.22 -3.08 34.90
C VAL F 93 -22.91 -4.16 33.88
N TYR F 94 -23.94 -4.83 33.36
CA TYR F 94 -23.71 -5.93 32.44
C TYR F 94 -24.27 -5.59 31.05
N TYR F 95 -23.44 -5.68 30.01
CA TYR F 95 -23.85 -5.32 28.66
C TYR F 95 -23.94 -6.54 27.74
N CYS F 96 -24.89 -6.52 26.83
CA CYS F 96 -24.93 -7.54 25.79
C CYS F 96 -24.49 -6.74 24.57
N ALA F 97 -23.54 -7.20 23.74
CA ALA F 97 -23.16 -6.42 22.56
C ALA F 97 -22.97 -7.28 21.30
N ARG F 98 -23.20 -6.68 20.13
CA ARG F 98 -23.12 -7.41 18.87
C ARG F 98 -21.78 -7.20 18.17
N PRO F 99 -21.31 -8.22 17.45
CA PRO F 99 -20.01 -8.12 16.78
C PRO F 99 -20.11 -8.42 15.28
N PRO F 100 -19.54 -7.53 14.51
CA PRO F 100 -19.33 -7.77 13.10
C PRO F 100 -17.85 -8.10 12.97
N TYR F 101 -17.43 -8.64 11.82
CA TYR F 101 -16.09 -9.22 11.79
C TYR F 101 -15.64 -9.29 10.35
N TYR F 102 -16.47 -8.74 9.48
CA TYR F 102 -16.13 -8.76 8.05
C TYR F 102 -14.91 -7.87 7.86
N TYR F 103 -14.45 -7.75 6.63
CA TYR F 103 -13.28 -6.92 6.32
C TYR F 103 -12.05 -7.80 6.32
N GLY F 104 -12.00 -8.78 7.21
CA GLY F 104 -10.85 -9.67 7.17
C GLY F 104 -10.15 -9.44 8.49
N THR F 105 -10.75 -8.60 9.30
CA THR F 105 -10.15 -8.33 10.59
C THR F 105 -11.16 -8.37 11.73
N THR F 106 -10.92 -7.63 12.80
CA THR F 106 -11.55 -7.90 14.09
C THR F 106 -13.04 -7.95 14.21
N TYR F 107 -13.48 -8.77 15.16
CA TYR F 107 -14.86 -8.77 15.65
C TYR F 107 -15.22 -7.49 16.41
N TYR F 108 -15.36 -6.38 15.74
CA TYR F 108 -15.34 -5.08 16.36
C TYR F 108 -16.74 -4.77 16.80
N PHE F 109 -17.01 -4.59 18.07
CA PHE F 109 -18.41 -4.47 18.48
C PHE F 109 -19.00 -3.19 17.98
N ASP F 110 -20.20 -3.32 17.47
CA ASP F 110 -20.74 -2.22 16.71
C ASP F 110 -22.03 -1.77 17.35
N TYR F 111 -22.58 -2.57 18.25
CA TYR F 111 -23.87 -2.19 18.82
C TYR F 111 -23.92 -2.71 20.26
N TRP F 112 -24.26 -1.85 21.21
CA TRP F 112 -24.24 -2.27 22.61
C TRP F 112 -25.61 -2.03 23.24
N GLY F 113 -25.94 -2.82 24.26
CA GLY F 113 -27.24 -2.67 24.90
C GLY F 113 -27.17 -1.54 25.90
N GLN F 114 -28.32 -1.17 26.45
CA GLN F 114 -28.37 -0.05 27.39
C GLN F 114 -27.73 -0.40 28.73
N GLY F 115 -27.51 -1.67 29.00
CA GLY F 115 -26.81 -2.07 30.21
C GLY F 115 -27.75 -2.30 31.39
N THR F 116 -27.39 -3.22 32.27
CA THR F 116 -28.23 -3.51 33.44
C THR F 116 -27.40 -3.38 34.71
N THR F 117 -27.83 -2.53 35.63
CA THR F 117 -27.09 -2.35 36.87
C THR F 117 -27.52 -3.43 37.86
N LEU F 118 -26.60 -4.32 38.21
CA LEU F 118 -26.92 -5.38 39.17
C LEU F 118 -26.21 -5.08 40.48
N THR F 119 -26.97 -5.17 41.57
CA THR F 119 -26.42 -4.88 42.89
C THR F 119 -26.63 -6.10 43.79
N VAL F 120 -25.57 -6.61 44.40
CA VAL F 120 -25.69 -7.72 45.34
C VAL F 120 -25.65 -7.16 46.75
N SER F 121 -26.73 -7.37 47.51
CA SER F 121 -26.79 -6.82 48.86
C SER F 121 -27.99 -7.44 49.60
N ASP G 1 -40.63 1.30 2.81
CA ASP G 1 -40.13 2.31 1.87
C ASP G 1 -39.03 3.11 2.54
N ILE G 2 -38.05 3.56 1.76
CA ILE G 2 -36.98 4.35 2.37
C ILE G 2 -37.43 5.80 2.53
N VAL G 3 -37.29 6.35 3.73
CA VAL G 3 -37.72 7.73 3.93
C VAL G 3 -36.52 8.66 3.77
N MET G 4 -36.66 9.72 2.99
CA MET G 4 -35.55 10.65 2.78
C MET G 4 -35.86 11.97 3.47
N THR G 5 -34.92 12.54 4.22
CA THR G 5 -35.20 13.79 4.93
C THR G 5 -34.16 14.78 4.47
N GLN G 6 -34.51 16.05 4.30
CA GLN G 6 -33.51 17.01 3.88
C GLN G 6 -33.50 18.17 4.86
N SER G 7 -32.36 18.86 4.96
CA SER G 7 -32.24 20.02 5.83
C SER G 7 -31.21 20.96 5.23
N PRO G 8 -31.38 22.27 5.41
CA PRO G 8 -32.55 22.83 6.11
C PRO G 8 -33.70 22.93 5.10
N SER G 9 -34.89 23.33 5.53
CA SER G 9 -35.98 23.44 4.55
C SER G 9 -35.73 24.62 3.60
N SER G 10 -35.07 25.68 4.03
CA SER G 10 -34.70 26.73 3.09
C SER G 10 -33.48 27.45 3.62
N LEU G 11 -32.78 28.14 2.72
CA LEU G 11 -31.56 28.83 3.12
C LEU G 11 -31.51 30.09 2.26
N ALA G 12 -31.02 31.20 2.80
CA ALA G 12 -30.88 32.41 1.99
C ALA G 12 -29.44 32.88 2.07
N MET G 13 -28.83 33.11 0.92
CA MET G 13 -27.41 33.40 0.93
C MET G 13 -27.07 34.39 -0.17
N SER G 14 -26.00 35.16 -0.01
CA SER G 14 -25.68 36.13 -1.04
C SER G 14 -24.69 35.49 -2.03
N VAL G 15 -24.60 36.03 -3.25
CA VAL G 15 -23.71 35.46 -4.26
C VAL G 15 -22.27 35.38 -3.73
N GLY G 16 -21.64 34.23 -3.95
CA GLY G 16 -20.24 34.08 -3.56
C GLY G 16 -20.11 33.25 -2.30
N GLN G 17 -21.20 33.05 -1.55
CA GLN G 17 -21.06 32.33 -0.29
C GLN G 17 -21.11 30.83 -0.51
N LYS G 18 -20.67 30.08 0.47
CA LYS G 18 -20.68 28.63 0.34
C LYS G 18 -21.99 28.12 0.94
N VAL G 19 -22.65 27.14 0.31
CA VAL G 19 -23.78 26.53 0.99
C VAL G 19 -23.60 25.05 1.12
N THR G 20 -24.14 24.57 2.23
CA THR G 20 -24.11 23.15 2.53
C THR G 20 -25.55 22.70 2.79
N MET G 21 -26.01 21.61 2.20
CA MET G 21 -27.35 21.14 2.55
C MET G 21 -27.25 19.63 2.63
N SER G 22 -28.06 19.03 3.50
CA SER G 22 -27.93 17.62 3.79
C SER G 22 -29.18 16.83 3.43
N CYS G 23 -28.99 15.53 3.26
CA CYS G 23 -30.08 14.61 2.93
C CYS G 23 -29.74 13.36 3.73
N LYS G 24 -30.54 12.93 4.69
CA LYS G 24 -30.26 11.64 5.30
C LYS G 24 -31.37 10.73 4.83
N SER G 25 -31.20 9.42 4.90
CA SER G 25 -32.29 8.54 4.57
C SER G 25 -32.40 7.65 5.78
N SER G 26 -33.46 6.85 5.82
CA SER G 26 -33.73 6.11 7.04
C SER G 26 -33.22 4.71 6.79
N GLN G 27 -32.85 4.45 5.55
CA GLN G 27 -32.24 3.15 5.25
C GLN G 27 -31.13 3.41 4.27
N SER G 28 -30.14 2.52 4.34
CA SER G 28 -28.92 2.64 3.52
C SER G 28 -29.24 2.50 2.06
N LEU G 29 -28.45 3.17 1.24
CA LEU G 29 -28.76 3.24 -0.17
C LEU G 29 -27.55 2.65 -0.84
N LEU G 30 -26.70 2.09 -0.01
CA LEU G 30 -25.44 1.53 -0.48
C LEU G 30 -25.66 0.05 -0.70
N ASP G 31 -25.15 -0.49 -1.78
CA ASP G 31 -25.29 -1.94 -1.97
C ASP G 31 -24.23 -2.59 -1.12
N SER G 32 -24.28 -3.92 -1.05
CA SER G 32 -23.29 -4.63 -0.26
C SER G 32 -22.46 -5.34 -1.29
N ARG G 33 -22.47 -4.82 -2.50
CA ARG G 33 -22.10 -5.68 -3.62
C ARG G 33 -21.28 -4.90 -4.62
N ASN G 34 -21.65 -3.66 -4.86
CA ASN G 34 -20.92 -2.96 -5.92
C ASN G 34 -20.33 -1.77 -5.21
N GLN G 35 -20.95 -1.49 -4.07
CA GLN G 35 -20.45 -0.45 -3.17
C GLN G 35 -20.65 0.89 -3.84
N LYS G 36 -21.89 1.32 -3.93
CA LYS G 36 -22.15 2.59 -4.58
C LYS G 36 -23.48 2.96 -3.92
N ASN G 37 -23.77 4.25 -3.75
CA ASN G 37 -25.00 4.65 -3.10
C ASN G 37 -25.93 5.23 -4.13
N TYR G 38 -27.16 4.85 -4.00
CA TYR G 38 -28.12 5.07 -5.05
C TYR G 38 -28.89 6.29 -4.60
N LEU G 39 -28.29 7.45 -4.74
CA LEU G 39 -28.95 8.65 -4.24
C LEU G 39 -28.75 9.73 -5.28
N ALA G 40 -29.72 10.42 -5.83
CA ALA G 40 -29.28 11.46 -6.75
C ALA G 40 -29.70 12.79 -6.21
N TRP G 41 -29.14 13.84 -6.80
CA TRP G 41 -29.57 15.19 -6.46
C TRP G 41 -30.15 15.83 -7.71
N TYR G 42 -31.30 16.50 -7.56
CA TYR G 42 -31.94 17.21 -8.66
C TYR G 42 -32.05 18.70 -8.26
N GLN G 43 -32.01 19.56 -9.27
CA GLN G 43 -32.17 21.00 -9.05
C GLN G 43 -33.44 21.42 -9.81
N GLN G 44 -34.33 22.17 -9.18
CA GLN G 44 -35.51 22.64 -9.89
C GLN G 44 -35.53 24.16 -9.78
N LYS G 45 -35.18 24.84 -10.85
CA LYS G 45 -35.26 26.30 -10.86
C LYS G 45 -36.71 26.73 -11.01
N PRO G 46 -37.07 27.93 -10.56
CA PRO G 46 -38.44 28.42 -10.58
C PRO G 46 -38.99 28.31 -11.99
N GLY G 47 -40.17 27.67 -12.09
CA GLY G 47 -40.88 27.60 -13.36
C GLY G 47 -40.37 26.51 -14.29
N GLN G 48 -39.53 25.62 -13.79
CA GLN G 48 -38.94 24.62 -14.67
C GLN G 48 -39.14 23.29 -14.00
N SER G 49 -38.86 22.23 -14.74
CA SER G 49 -38.94 20.89 -14.15
C SER G 49 -37.60 20.60 -13.47
N PRO G 50 -37.53 19.59 -12.60
CA PRO G 50 -36.28 19.21 -11.96
C PRO G 50 -35.28 18.75 -13.02
N LYS G 51 -34.00 18.92 -12.73
CA LYS G 51 -32.96 18.50 -13.66
C LYS G 51 -31.94 17.71 -12.85
N LEU G 52 -31.41 16.63 -13.40
CA LEU G 52 -30.48 15.78 -12.66
C LEU G 52 -29.16 16.52 -12.47
N LEU G 53 -28.69 16.70 -11.24
CA LEU G 53 -27.40 17.34 -11.05
C LEU G 53 -26.35 16.26 -10.81
N VAL G 54 -26.63 15.39 -9.84
CA VAL G 54 -25.62 14.42 -9.42
C VAL G 54 -26.26 13.03 -9.25
N TYR G 55 -25.51 11.97 -9.57
CA TYR G 55 -25.98 10.61 -9.36
C TYR G 55 -24.83 9.77 -8.87
N PHE G 56 -25.20 8.56 -8.46
CA PHE G 56 -24.37 7.76 -7.57
C PHE G 56 -24.42 8.67 -6.37
N ALA G 57 -23.47 8.87 -5.52
CA ALA G 57 -23.80 9.83 -4.51
C ALA G 57 -23.02 11.03 -4.96
N SER G 58 -22.17 10.78 -5.95
CA SER G 58 -21.12 11.77 -6.22
C SER G 58 -20.80 12.11 -7.67
N THR G 59 -21.34 11.46 -8.68
CA THR G 59 -20.99 11.82 -10.05
C THR G 59 -21.82 13.02 -10.48
N ARG G 60 -21.14 14.06 -10.90
CA ARG G 60 -21.81 15.27 -11.35
C ARG G 60 -22.14 15.02 -12.80
N GLU G 61 -23.30 15.46 -13.22
CA GLU G 61 -23.76 15.15 -14.57
C GLU G 61 -23.13 16.21 -15.45
N SER G 62 -22.82 15.80 -16.66
CA SER G 62 -22.24 16.70 -17.65
C SER G 62 -23.16 17.91 -17.90
N GLY G 63 -22.53 19.09 -18.05
CA GLY G 63 -23.22 20.36 -17.99
C GLY G 63 -23.22 20.98 -16.60
N VAL G 64 -23.09 20.20 -15.54
CA VAL G 64 -23.22 20.75 -14.20
C VAL G 64 -21.88 21.34 -13.77
N PRO G 65 -21.86 22.59 -13.31
CA PRO G 65 -20.64 23.26 -12.90
C PRO G 65 -19.99 22.52 -11.75
N ASP G 66 -18.67 22.63 -11.65
CA ASP G 66 -17.98 21.93 -10.57
C ASP G 66 -18.06 22.69 -9.25
N ARG G 67 -18.78 23.81 -9.20
CA ARG G 67 -19.12 24.42 -7.92
C ARG G 67 -20.08 23.51 -7.14
N PHE G 68 -20.80 22.62 -7.79
CA PHE G 68 -21.67 21.69 -7.06
C PHE G 68 -20.88 20.43 -6.77
N ILE G 69 -20.88 20.00 -5.51
CA ILE G 69 -20.23 18.73 -5.18
C ILE G 69 -21.13 17.90 -4.28
N GLY G 70 -21.41 16.68 -4.71
CA GLY G 70 -22.18 15.77 -3.86
C GLY G 70 -21.22 14.91 -3.04
N SER G 71 -21.53 14.65 -1.77
CA SER G 71 -20.61 13.83 -0.97
C SER G 71 -21.40 13.03 0.05
N GLY G 72 -20.72 12.21 0.84
CA GLY G 72 -21.42 11.46 1.89
C GLY G 72 -21.59 9.99 1.49
N SER G 73 -22.15 9.17 2.39
CA SER G 73 -22.26 7.74 2.10
C SER G 73 -23.26 7.12 3.07
N GLY G 74 -23.83 5.97 2.71
CA GLY G 74 -24.66 5.25 3.66
C GLY G 74 -25.99 5.97 3.87
N THR G 75 -26.16 6.65 5.01
CA THR G 75 -27.44 7.28 5.30
C THR G 75 -27.28 8.79 5.29
N ASP G 76 -26.07 9.33 5.17
CA ASP G 76 -25.93 10.79 5.31
C ASP G 76 -25.18 11.41 4.14
N PHE G 77 -25.89 12.28 3.41
CA PHE G 77 -25.36 12.85 2.18
C PHE G 77 -25.37 14.38 2.25
N THR G 78 -24.48 15.00 1.48
CA THR G 78 -24.35 16.46 1.47
C THR G 78 -24.23 16.95 0.04
N LEU G 79 -24.92 18.05 -0.25
CA LEU G 79 -24.67 18.77 -1.50
C LEU G 79 -24.05 20.09 -1.08
N THR G 80 -22.88 20.40 -1.61
CA THR G 80 -22.22 21.68 -1.30
C THR G 80 -22.16 22.50 -2.59
N ILE G 81 -22.40 23.80 -2.46
CA ILE G 81 -22.16 24.73 -3.56
C ILE G 81 -21.03 25.60 -3.05
N SER G 82 -19.89 25.57 -3.71
CA SER G 82 -18.70 26.19 -3.15
C SER G 82 -18.81 27.71 -3.10
N SER G 83 -19.34 28.29 -4.18
CA SER G 83 -19.55 29.74 -4.21
C SER G 83 -20.86 29.89 -4.97
N VAL G 84 -21.92 30.27 -4.28
CA VAL G 84 -23.21 30.26 -4.94
C VAL G 84 -23.40 31.41 -5.93
N GLN G 85 -24.02 31.11 -7.07
CA GLN G 85 -24.34 32.17 -8.03
C GLN G 85 -25.85 32.38 -8.09
N ALA G 86 -26.26 33.53 -8.63
CA ALA G 86 -27.67 33.89 -8.72
C ALA G 86 -28.49 32.84 -9.46
N GLU G 87 -27.91 32.25 -10.48
CA GLU G 87 -28.62 31.22 -11.22
C GLU G 87 -28.80 29.92 -10.46
N ASP G 88 -28.18 29.74 -9.30
CA ASP G 88 -28.40 28.53 -8.53
C ASP G 88 -29.70 28.60 -7.74
N LEU G 89 -30.41 29.71 -7.79
CA LEU G 89 -31.71 29.85 -7.11
C LEU G 89 -32.60 28.67 -7.51
N ALA G 90 -33.07 27.87 -6.55
CA ALA G 90 -33.75 26.63 -6.92
C ALA G 90 -34.16 25.88 -5.68
N ASP G 91 -35.00 24.86 -5.84
CA ASP G 91 -35.16 23.88 -4.77
C ASP G 91 -34.30 22.67 -5.13
N TYR G 92 -33.54 22.16 -4.18
CA TYR G 92 -32.70 20.99 -4.42
C TYR G 92 -33.31 19.76 -3.75
N PHE G 93 -33.50 18.68 -4.50
CA PHE G 93 -34.11 17.48 -3.95
C PHE G 93 -33.12 16.31 -4.01
N CYS G 94 -33.08 15.47 -3.00
CA CYS G 94 -32.29 14.24 -3.13
C CYS G 94 -33.27 13.10 -3.35
N GLN G 95 -32.77 11.99 -3.82
CA GLN G 95 -33.69 10.94 -4.21
C GLN G 95 -33.02 9.59 -4.02
N GLN G 96 -33.76 8.62 -3.51
CA GLN G 96 -33.27 7.27 -3.48
C GLN G 96 -33.59 6.65 -4.83
N HIS G 97 -32.63 6.05 -5.47
CA HIS G 97 -33.05 5.32 -6.65
C HIS G 97 -32.44 3.97 -6.53
N TYR G 98 -32.55 3.54 -5.32
CA TYR G 98 -32.05 2.23 -4.95
C TYR G 98 -33.13 1.26 -5.34
N SER G 99 -34.33 1.47 -4.83
CA SER G 99 -35.37 0.48 -5.07
C SER G 99 -36.70 1.15 -4.88
N THR G 100 -37.69 0.44 -5.40
CA THR G 100 -39.04 0.97 -5.52
C THR G 100 -39.76 0.80 -4.19
N PRO G 101 -40.43 1.80 -3.64
CA PRO G 101 -40.53 3.12 -4.24
C PRO G 101 -39.30 3.93 -4.42
N LEU G 102 -39.07 4.54 -5.57
CA LEU G 102 -38.08 5.60 -5.58
C LEU G 102 -38.80 6.68 -4.81
N THR G 103 -38.08 7.37 -3.98
CA THR G 103 -38.72 8.36 -3.15
C THR G 103 -37.70 9.44 -3.14
N PHE G 104 -38.23 10.57 -2.74
CA PHE G 104 -37.50 11.83 -2.74
C PHE G 104 -37.58 12.47 -1.36
N GLY G 105 -36.59 13.31 -1.06
CA GLY G 105 -36.67 14.15 0.13
C GLY G 105 -37.58 15.34 -0.18
N ALA G 106 -37.80 16.19 0.82
CA ALA G 106 -38.80 17.25 0.71
C ALA G 106 -38.19 18.50 0.07
N GLY G 107 -36.88 18.56 -0.09
CA GLY G 107 -36.27 19.71 -0.78
C GLY G 107 -35.67 20.78 0.15
N THR G 108 -34.59 21.39 -0.33
CA THR G 108 -34.01 22.55 0.34
C THR G 108 -34.19 23.69 -0.66
N LYS G 109 -34.92 24.72 -0.29
CA LYS G 109 -35.13 25.84 -1.20
C LYS G 109 -33.99 26.84 -1.01
N LEU G 110 -33.25 27.12 -2.06
CA LEU G 110 -32.12 28.04 -1.94
C LEU G 110 -32.60 29.42 -2.43
N GLU G 111 -32.54 30.43 -1.57
CA GLU G 111 -32.93 31.79 -1.95
C GLU G 111 -31.70 32.70 -2.00
N LEU G 112 -31.81 33.78 -2.77
CA LEU G 112 -30.67 34.62 -3.07
C LEU G 112 -30.81 35.99 -2.41
N LYS G 113 -29.87 36.40 -1.56
CA LYS G 113 -29.87 37.76 -1.03
C LYS G 113 -29.09 38.64 -1.99
N ARG G 114 -29.55 39.88 -2.19
CA ARG G 114 -28.89 40.79 -3.11
C ARG G 114 -29.12 42.23 -2.66
N ALA G 115 -28.56 43.18 -3.40
CA ALA G 115 -28.70 44.60 -3.05
C ALA G 115 -30.12 45.11 -3.22
N GLU H 1 -32.02 13.89 -30.67
CA GLU H 1 -32.35 14.66 -29.46
C GLU H 1 -33.38 13.89 -28.64
N VAL H 2 -32.97 13.44 -27.46
CA VAL H 2 -33.89 12.69 -26.59
C VAL H 2 -35.02 13.58 -26.08
N LYS H 3 -36.26 13.13 -26.24
CA LYS H 3 -37.40 13.97 -25.85
C LYS H 3 -38.59 13.18 -25.30
N LEU H 4 -39.22 13.75 -24.27
CA LEU H 4 -40.42 13.15 -23.70
C LEU H 4 -41.47 14.26 -23.70
N GLU H 5 -42.49 14.15 -24.54
CA GLU H 5 -43.47 15.22 -24.66
C GLU H 5 -44.78 14.90 -24.03
N GLN H 6 -45.34 15.67 -23.19
CA GLN H 6 -46.63 15.51 -22.62
C GLN H 6 -47.69 16.58 -22.97
N SER H 7 -48.96 16.54 -22.99
CA SER H 7 -49.79 17.81 -23.11
C SER H 7 -50.09 18.73 -21.90
N GLY H 8 -49.95 20.06 -22.31
CA GLY H 8 -49.81 21.06 -21.27
C GLY H 8 -50.81 20.93 -20.13
N ALA H 9 -52.10 20.65 -20.36
CA ALA H 9 -53.02 20.55 -19.25
C ALA H 9 -54.24 19.66 -19.47
N GLU H 10 -54.91 19.36 -18.36
CA GLU H 10 -56.14 18.58 -18.39
C GLU H 10 -57.02 19.14 -17.28
N LEU H 11 -58.27 19.44 -17.63
CA LEU H 11 -59.22 19.91 -16.63
C LEU H 11 -60.21 18.78 -16.46
N ALA H 12 -60.36 18.30 -15.26
CA ALA H 12 -61.31 17.22 -15.06
C ALA H 12 -62.27 17.41 -13.90
N ARG H 13 -63.43 16.77 -14.01
CA ARG H 13 -64.48 16.95 -13.00
C ARG H 13 -64.16 16.01 -11.85
N PRO H 14 -64.47 16.38 -10.60
CA PRO H 14 -64.20 15.51 -9.47
C PRO H 14 -64.96 14.20 -9.67
N GLY H 15 -64.35 13.10 -9.29
CA GLY H 15 -65.02 11.82 -9.43
C GLY H 15 -64.79 11.19 -10.79
N ALA H 16 -64.15 11.91 -11.71
CA ALA H 16 -63.93 11.37 -13.05
C ALA H 16 -62.51 10.86 -13.16
N SER H 17 -62.00 10.71 -14.39
CA SER H 17 -60.65 10.16 -14.55
C SER H 17 -59.97 10.67 -15.83
N VAL H 18 -58.66 10.45 -15.96
CA VAL H 18 -57.95 10.90 -17.16
C VAL H 18 -56.83 9.97 -17.56
N LYS H 19 -56.46 10.05 -18.83
CA LYS H 19 -55.37 9.24 -19.34
C LYS H 19 -54.30 10.20 -19.81
N LEU H 20 -53.22 10.30 -19.06
CA LEU H 20 -52.14 11.18 -19.42
C LEU H 20 -51.23 10.45 -20.40
N SER H 21 -50.74 11.18 -21.40
CA SER H 21 -49.87 10.56 -22.40
C SER H 21 -48.47 11.16 -22.32
N CYS H 22 -47.48 10.41 -22.81
CA CYS H 22 -46.10 10.87 -22.76
C CYS H 22 -45.39 10.21 -23.95
N LYS H 23 -45.17 10.99 -25.01
CA LYS H 23 -44.53 10.47 -26.21
C LYS H 23 -43.01 10.57 -26.17
N ALA H 24 -42.34 9.45 -26.42
CA ALA H 24 -40.88 9.43 -26.41
C ALA H 24 -40.32 9.51 -27.83
N SER H 25 -39.05 9.92 -27.93
CA SER H 25 -38.41 10.05 -29.23
C SER H 25 -36.92 10.19 -28.98
N GLY H 26 -36.12 9.75 -29.93
CA GLY H 26 -34.70 10.01 -29.84
C GLY H 26 -33.99 8.83 -29.23
N TYR H 27 -34.69 7.76 -28.92
CA TYR H 27 -34.02 6.63 -28.28
C TYR H 27 -34.88 5.39 -28.46
N THR H 28 -34.28 4.24 -28.21
CA THR H 28 -35.01 2.98 -28.32
C THR H 28 -35.92 2.88 -27.10
N PHE H 29 -37.21 3.00 -27.37
CA PHE H 29 -38.21 3.15 -26.31
C PHE H 29 -38.20 1.98 -25.36
N ALA H 30 -38.04 0.78 -25.90
CA ALA H 30 -38.19 -0.41 -25.06
C ALA H 30 -36.94 -0.66 -24.24
N SER H 31 -35.90 0.11 -24.50
CA SER H 31 -34.62 -0.14 -23.84
C SER H 31 -34.58 0.43 -22.43
N TYR H 32 -35.59 1.19 -22.00
CA TYR H 32 -35.46 1.85 -20.69
C TYR H 32 -36.82 1.85 -20.02
N TRP H 33 -36.85 1.83 -18.69
CA TRP H 33 -38.14 1.80 -17.96
C TRP H 33 -38.69 3.22 -17.93
N MET H 34 -39.97 3.39 -17.68
CA MET H 34 -40.55 4.73 -17.70
C MET H 34 -41.13 5.00 -16.33
N GLN H 35 -40.89 6.19 -15.80
CA GLN H 35 -41.31 6.48 -14.43
C GLN H 35 -42.33 7.60 -14.50
N TRP H 36 -43.14 7.71 -13.46
CA TRP H 36 -44.17 8.75 -13.40
C TRP H 36 -44.05 9.40 -12.03
N VAL H 37 -43.97 10.73 -12.00
CA VAL H 37 -43.83 11.44 -10.73
C VAL H 37 -44.89 12.51 -10.61
N LYS H 38 -45.32 12.78 -9.39
CA LYS H 38 -46.35 13.77 -9.13
C LYS H 38 -45.75 14.92 -8.31
N GLN H 39 -46.08 16.15 -8.70
CA GLN H 39 -45.55 17.30 -7.98
C GLN H 39 -46.67 18.29 -7.62
N ARG H 40 -46.87 18.48 -6.33
CA ARG H 40 -47.86 19.43 -5.84
C ARG H 40 -47.07 20.59 -5.27
N PRO H 41 -47.48 21.83 -5.54
CA PRO H 41 -46.75 23.01 -5.06
C PRO H 41 -46.57 23.01 -3.55
N GLY H 42 -45.32 23.11 -3.12
CA GLY H 42 -45.05 23.15 -1.69
C GLY H 42 -44.79 21.75 -1.14
N GLN H 43 -45.48 20.75 -1.68
CA GLN H 43 -45.33 19.39 -1.18
C GLN H 43 -44.03 18.81 -1.70
N GLY H 44 -43.75 19.00 -2.98
CA GLY H 44 -42.51 18.46 -3.52
C GLY H 44 -42.80 17.38 -4.55
N LEU H 45 -41.87 16.44 -4.72
CA LEU H 45 -42.05 15.39 -5.72
C LEU H 45 -42.45 14.06 -5.08
N GLU H 46 -43.25 13.27 -5.80
CA GLU H 46 -43.72 12.00 -5.28
C GLU H 46 -43.68 10.96 -6.41
N TRP H 47 -43.16 9.78 -6.15
CA TRP H 47 -43.05 8.75 -7.19
C TRP H 47 -44.33 7.89 -7.25
N ILE H 48 -44.90 7.74 -8.45
CA ILE H 48 -46.14 6.99 -8.60
C ILE H 48 -45.87 5.52 -8.95
N GLY H 49 -45.01 5.25 -9.91
CA GLY H 49 -44.76 3.86 -10.27
C GLY H 49 -43.92 3.84 -11.53
N ALA H 50 -43.56 2.65 -12.00
CA ALA H 50 -42.81 2.57 -13.26
C ALA H 50 -43.28 1.36 -14.03
N ILE H 51 -42.85 1.28 -15.28
CA ILE H 51 -43.29 0.19 -16.15
C ILE H 51 -42.14 -0.07 -17.13
N TYR H 52 -41.88 -1.34 -17.40
CA TYR H 52 -40.90 -1.68 -18.42
C TYR H 52 -41.74 -1.79 -19.68
N PRO H 53 -41.38 -1.10 -20.75
CA PRO H 53 -42.18 -1.10 -21.97
C PRO H 53 -42.03 -2.38 -22.77
N GLY H 54 -40.99 -3.15 -22.51
CA GLY H 54 -40.73 -4.32 -23.31
C GLY H 54 -41.73 -5.40 -22.97
N ASP H 55 -42.15 -5.50 -21.73
CA ASP H 55 -43.07 -6.59 -21.42
C ASP H 55 -44.24 -6.07 -20.61
N GLY H 56 -44.22 -4.80 -20.30
CA GLY H 56 -45.41 -4.20 -19.68
C GLY H 56 -45.42 -4.43 -18.18
N ASP H 57 -44.27 -4.75 -17.60
CA ASP H 57 -44.27 -5.11 -16.19
C ASP H 57 -44.33 -3.82 -15.39
N THR H 58 -45.20 -3.75 -14.40
CA THR H 58 -45.37 -2.50 -13.68
C THR H 58 -44.97 -2.70 -12.22
N TRP H 59 -44.69 -1.59 -11.55
CA TRP H 59 -44.37 -1.63 -10.13
C TRP H 59 -44.98 -0.33 -9.62
N TYR H 60 -45.77 -0.40 -8.57
CA TYR H 60 -46.46 0.81 -8.09
C TYR H 60 -46.06 1.20 -6.67
N THR H 61 -46.33 2.47 -6.34
CA THR H 61 -46.08 2.95 -4.99
C THR H 61 -47.36 2.53 -4.31
N GLN H 62 -47.27 1.79 -3.21
CA GLN H 62 -48.46 1.31 -2.48
C GLN H 62 -49.55 2.38 -2.36
N LYS H 63 -49.12 3.61 -2.07
CA LYS H 63 -50.03 4.74 -1.97
C LYS H 63 -50.91 4.99 -3.20
N PHE H 64 -50.46 4.59 -4.36
CA PHE H 64 -51.21 4.87 -5.58
C PHE H 64 -51.77 3.60 -6.20
N LYS H 65 -51.61 2.45 -5.54
CA LYS H 65 -52.15 1.21 -6.08
C LYS H 65 -53.66 1.27 -6.07
N GLY H 66 -54.26 1.36 -7.26
CA GLY H 66 -55.71 1.40 -7.31
C GLY H 66 -56.16 2.79 -7.71
N LYS H 67 -55.21 3.68 -7.96
CA LYS H 67 -55.55 5.04 -8.33
C LYS H 67 -54.92 5.27 -9.68
N ALA H 68 -53.77 4.65 -9.92
CA ALA H 68 -53.08 4.86 -11.20
C ALA H 68 -52.83 3.54 -11.92
N THR H 69 -53.03 3.55 -13.24
CA THR H 69 -52.79 2.36 -14.06
C THR H 69 -51.81 2.77 -15.16
N LEU H 70 -50.72 2.04 -15.34
CA LEU H 70 -49.71 2.39 -16.34
C LEU H 70 -49.74 1.40 -17.50
N THR H 71 -49.64 1.93 -18.72
CA THR H 71 -49.61 1.07 -19.91
C THR H 71 -48.70 1.74 -20.91
N ALA H 72 -48.39 1.07 -22.01
CA ALA H 72 -47.62 1.74 -23.04
C ALA H 72 -47.93 1.14 -24.40
N ASP H 73 -47.51 1.84 -25.45
CA ASP H 73 -47.81 1.41 -26.79
C ASP H 73 -46.48 1.42 -27.49
N LYS H 74 -45.83 0.26 -27.52
CA LYS H 74 -44.52 0.13 -28.15
C LYS H 74 -44.58 0.38 -29.64
N SER H 75 -45.78 0.43 -30.22
CA SER H 75 -45.90 0.72 -31.64
C SER H 75 -45.71 2.21 -31.88
N SER H 76 -46.28 3.05 -31.03
CA SER H 76 -46.18 4.50 -31.24
C SER H 76 -45.19 5.15 -30.29
N SER H 77 -44.54 4.36 -29.45
CA SER H 77 -43.55 4.91 -28.51
C SER H 77 -44.20 5.81 -27.48
N THR H 78 -45.40 5.47 -27.03
CA THR H 78 -46.10 6.32 -26.07
C THR H 78 -46.31 5.54 -24.78
N ALA H 79 -46.22 6.21 -23.64
CA ALA H 79 -46.47 5.57 -22.36
C ALA H 79 -47.72 6.26 -21.80
N TYR H 80 -48.49 5.57 -20.98
CA TYR H 80 -49.74 6.16 -20.50
C TYR H 80 -49.93 5.92 -19.00
N MET H 81 -50.73 6.79 -18.40
CA MET H 81 -51.08 6.63 -16.99
C MET H 81 -52.51 7.10 -16.83
N GLN H 82 -53.36 6.25 -16.29
CA GLN H 82 -54.75 6.64 -16.07
C GLN H 82 -54.88 6.92 -14.58
N LEU H 83 -55.58 7.98 -14.23
CA LEU H 83 -55.80 8.30 -12.83
C LEU H 83 -57.31 8.23 -12.67
N SER H 84 -57.80 7.48 -11.69
CA SER H 84 -59.24 7.28 -11.55
C SER H 84 -59.82 7.93 -10.30
N SER H 85 -61.13 8.22 -10.35
CA SER H 85 -61.83 8.81 -9.22
C SER H 85 -61.11 10.04 -8.65
N LEU H 86 -60.80 10.99 -9.49
CA LEU H 86 -60.00 12.13 -9.06
C LEU H 86 -60.69 13.02 -8.04
N ALA H 87 -59.90 13.62 -7.17
CA ALA H 87 -60.43 14.56 -6.21
C ALA H 87 -59.49 15.74 -6.16
N SER H 88 -59.86 16.80 -5.43
CA SER H 88 -59.09 18.04 -5.44
C SER H 88 -57.63 17.79 -5.09
N GLU H 89 -57.39 16.81 -4.21
CA GLU H 89 -56.03 16.49 -3.80
C GLU H 89 -55.20 15.92 -4.95
N ASP H 90 -55.84 15.52 -6.05
CA ASP H 90 -55.11 14.97 -7.18
C ASP H 90 -54.63 16.08 -8.12
N SER H 91 -55.01 17.32 -7.89
CA SER H 91 -54.57 18.41 -8.75
C SER H 91 -53.05 18.55 -8.63
N ALA H 92 -52.34 18.57 -9.76
CA ALA H 92 -50.88 18.70 -9.70
C ALA H 92 -50.27 18.65 -11.08
N VAL H 93 -48.93 18.66 -11.11
CA VAL H 93 -48.19 18.53 -12.37
C VAL H 93 -47.67 17.11 -12.38
N TYR H 94 -47.88 16.40 -13.49
CA TYR H 94 -47.47 14.99 -13.54
C TYR H 94 -46.35 14.81 -14.58
N TYR H 95 -45.24 14.22 -14.16
CA TYR H 95 -44.10 14.04 -15.06
C TYR H 95 -43.85 12.56 -15.39
N CYS H 96 -43.40 12.30 -16.62
CA CYS H 96 -42.96 10.96 -16.97
C CYS H 96 -41.46 11.16 -17.03
N ALA H 97 -40.62 10.31 -16.42
CA ALA H 97 -39.17 10.49 -16.52
C ALA H 97 -38.40 9.18 -16.75
N ARG H 98 -37.25 9.28 -17.40
CA ARG H 98 -36.46 8.09 -17.75
C ARG H 98 -35.32 7.87 -16.76
N PRO H 99 -34.97 6.61 -16.51
CA PRO H 99 -33.92 6.29 -15.55
C PRO H 99 -32.81 5.42 -16.16
N PRO H 100 -31.61 5.86 -15.95
CA PRO H 100 -30.43 5.05 -16.25
C PRO H 100 -29.95 4.54 -14.89
N TYR H 101 -29.07 3.56 -14.87
CA TYR H 101 -28.81 2.87 -13.61
C TYR H 101 -27.47 2.19 -13.70
N TYR H 102 -26.79 2.41 -14.81
CA TYR H 102 -25.49 1.78 -15.00
C TYR H 102 -24.54 2.38 -13.98
N TYR H 103 -23.29 1.96 -14.00
CA TYR H 103 -22.28 2.46 -13.06
C TYR H 103 -22.23 1.55 -11.87
N GLY H 104 -23.36 1.00 -11.45
CA GLY H 104 -23.30 0.06 -10.34
C GLY H 104 -24.07 0.73 -9.24
N THR H 105 -24.61 1.90 -9.55
CA THR H 105 -25.38 2.60 -8.54
C THR H 105 -26.70 3.13 -9.09
N THR H 106 -27.21 4.21 -8.52
CA THR H 106 -28.62 4.54 -8.62
C THR H 106 -29.27 4.69 -9.98
N TYR H 107 -30.56 4.39 -9.99
CA TYR H 107 -31.45 4.73 -11.12
C TYR H 107 -31.69 6.24 -11.25
N TYR H 108 -30.71 6.97 -11.68
CA TYR H 108 -30.68 8.41 -11.51
C TYR H 108 -31.42 9.02 -12.68
N PHE H 109 -32.49 9.72 -12.49
CA PHE H 109 -33.29 10.13 -13.65
C PHE H 109 -32.53 11.14 -14.46
N ASP H 110 -32.58 10.95 -15.74
CA ASP H 110 -31.67 11.70 -16.59
C ASP H 110 -32.47 12.49 -17.58
N TYR H 111 -33.74 12.18 -17.72
CA TYR H 111 -34.51 12.89 -18.76
C TYR H 111 -35.96 13.00 -18.26
N TRP H 112 -36.52 14.21 -18.28
CA TRP H 112 -37.87 14.41 -17.74
C TRP H 112 -38.77 15.01 -18.81
N GLY H 113 -40.07 14.73 -18.71
CA GLY H 113 -41.00 15.26 -19.71
C GLY H 113 -41.35 16.69 -19.34
N GLN H 114 -42.06 17.36 -20.24
CA GLN H 114 -42.40 18.77 -20.02
C GLN H 114 -43.45 18.93 -18.93
N GLY H 115 -44.13 17.85 -18.55
CA GLY H 115 -45.08 17.92 -17.45
C GLY H 115 -46.49 18.29 -17.89
N THR H 116 -47.49 17.76 -17.19
CA THR H 116 -48.88 18.05 -17.54
C THR H 116 -49.61 18.61 -16.31
N THR H 117 -50.18 19.79 -16.44
CA THR H 117 -50.89 20.39 -15.32
C THR H 117 -52.32 19.85 -15.31
N LEU H 118 -52.67 19.08 -14.27
CA LEU H 118 -54.02 18.55 -14.17
C LEU H 118 -54.76 19.28 -13.05
N THR H 119 -55.97 19.72 -13.37
CA THR H 119 -56.78 20.45 -12.41
C THR H 119 -58.12 19.74 -12.22
N VAL H 120 -58.46 19.42 -10.98
CA VAL H 120 -59.76 18.80 -10.70
C VAL H 120 -60.70 19.88 -10.19
N SER H 121 -61.80 20.10 -10.91
CA SER H 121 -62.74 21.15 -10.51
C SER H 121 -64.02 21.02 -11.34
#